data_5IGX
#
_entry.id   5IGX
#
_cell.length_a   146.284
_cell.length_b   168.533
_cell.length_c   176.690
_cell.angle_alpha   90.000
_cell.angle_beta   90.000
_cell.angle_gamma   90.000
#
_symmetry.space_group_name_H-M   'F 2 2 2'
#
loop_
_entity.id
_entity.type
_entity.pdbx_description
1 polymer '426c.TM1deltaV1-3 gp120'
2 polymer 'germline NIH45-46 Fab heavy chain'
3 polymer 'germline NIH45-46 light chain'
4 branched beta-D-mannopyranose-(1-4)-2-acetamido-2-deoxy-beta-D-glucopyranose-(1-4)-2-acetamido-2-deoxy-beta-D-glucopyranose
5 non-polymer 2-acetamido-2-deoxy-beta-D-glucopyranose
#
loop_
_entity_poly.entity_id
_entity_poly.type
_entity_poly.pdbx_seq_one_letter_code
_entity_poly.pdbx_strand_id
1 'polypeptide(L)'
;VWKEAKTTLFCASDAKAYEKECHNVWATHACVPTDPNPQEVVLENVTENFNMWKNDMVDQMQEDVISIWDQCLKPCVKLT
NTSTLTQACPKVTFDPIPIHYCAPAGYAILKCNNKTFNGKGPCNNVSTVQCTHGIKPVVSTQLLLNGSLAEEEIVIRSKD
LSDNAKIIIVQLNKSVEIVCTRPNNGGSGSGGDIRQAYCNISGRNWSEAVNQVKKKLKEHFPHKNISFQSSSGGDLEITT
HSFNCGGEFFYCNTSGLFNDTISNATIMLPCRIKQIINMWQEVGKAIYAPPIKGNITCKSDITGLLLLRDGGDTTDNTEI
FRPGGGDMRDNWRSELYKYKVVEIKPLHHHHHH
;
G
2 'polypeptide(L)'
;QVQLVQSGAEVKKPGASVKVSCKASGYTFTGYYMHWVRQAPGQGLEWMGWINPNSGGTNYAQKFQGRVTMTRDTSISTAY
MELSRLRSDDTAVYYCARGKYCTARDYYNWDFQHWGQGTLVTVSSASTKGPSVFPLAPSSKSTSGGTAALGCLVKDYFPE
PVTVSWNSGALTSGVHTFPAVLQSSGLYSLSSVVTVPSSSLGTQTYICNVNHKPSNTKVDKRVEPSCDKTHHHHHH
;
H
3 'polypeptide(L)'
;EIVLTQSPATLSLSPGERATLSCRASQSVSSYLAWYQQKPGQAPRLLIYDASNRATGIPARFSGSGSGTDFTLTISSLEP
EDFAVYYCQQYEFFGQGTKLEIKRTVAAPSVFIFPPSDEQLKSGTASVVCLLNNFYPREAKVQWKVDNALQSGNSQESVT
EQDSKDSTYSLSSTLTLSKADYEKHKVYACEVTHQGLSSPVTKSFNRGEC
;
L
#
loop_
_chem_comp.id
_chem_comp.type
_chem_comp.name
_chem_comp.formula
BMA D-saccharide, beta linking beta-D-mannopyranose 'C6 H12 O6'
NAG D-saccharide, beta linking 2-acetamido-2-deoxy-beta-D-glucopyranose 'C8 H15 N O6'
#
# COMPACT_ATOMS: atom_id res chain seq x y z
N VAL A 1 3.14 31.48 28.84
CA VAL A 1 3.68 32.68 28.22
C VAL A 1 3.27 32.73 26.75
N TRP A 2 3.18 31.56 26.12
CA TRP A 2 2.90 31.48 24.69
C TRP A 2 2.12 30.21 24.39
N LYS A 3 1.48 30.21 23.24
CA LYS A 3 0.71 29.06 22.78
C LYS A 3 1.08 28.77 21.32
N GLU A 4 0.94 27.51 20.93
CA GLU A 4 0.99 27.17 19.51
C GLU A 4 -0.21 27.84 18.82
N ALA A 5 0.08 28.63 17.80
CA ALA A 5 -0.97 29.37 17.10
C ALA A 5 -0.62 29.44 15.62
N LYS A 6 -1.59 29.91 14.84
CA LYS A 6 -1.40 30.12 13.41
C LYS A 6 -1.81 31.53 13.04
N THR A 7 -1.15 32.07 12.01
CA THR A 7 -1.45 33.40 11.50
C THR A 7 -0.77 33.61 10.14
N THR A 8 -0.53 34.87 9.77
CA THR A 8 0.04 35.20 8.46
C THR A 8 1.49 35.62 8.62
N LEU A 9 2.41 34.73 8.26
CA LEU A 9 3.84 35.07 8.29
C LEU A 9 4.15 36.16 7.27
N PHE A 10 5.39 36.62 7.22
CA PHE A 10 5.81 37.51 6.14
C PHE A 10 7.26 37.23 5.77
N CYS A 11 7.60 37.52 4.52
CA CYS A 11 8.85 37.07 3.94
C CYS A 11 9.82 38.23 3.82
N ALA A 12 11.10 37.88 3.79
CA ALA A 12 12.19 38.83 3.82
C ALA A 12 13.34 38.27 2.99
N SER A 13 13.95 39.11 2.16
CA SER A 13 15.01 38.65 1.28
C SER A 13 15.94 39.79 0.95
N ASP A 14 17.19 39.45 0.69
CA ASP A 14 18.20 40.41 0.26
C ASP A 14 18.15 40.54 -1.25
N ALA A 15 17.04 41.10 -1.73
CA ALA A 15 16.74 41.18 -3.15
C ALA A 15 16.84 42.63 -3.61
N LYS A 16 17.72 42.87 -4.59
CA LYS A 16 17.88 44.20 -5.16
C LYS A 16 16.80 44.46 -6.21
N ALA A 17 16.30 45.69 -6.22
CA ALA A 17 15.45 46.14 -7.32
C ALA A 17 16.22 46.35 -8.62
N TYR A 18 17.56 46.40 -8.55
CA TYR A 18 18.36 46.50 -9.76
C TYR A 18 18.25 45.26 -10.64
N GLU A 19 18.11 44.10 -10.00
CA GLU A 19 18.12 42.82 -10.70
C GLU A 19 16.89 42.37 -11.46
N LYS A 20 17.16 41.64 -12.53
CA LYS A 20 16.14 41.11 -13.41
C LYS A 20 15.86 39.63 -13.15
N GLU A 21 16.55 39.04 -12.18
CA GLU A 21 16.33 37.62 -11.91
C GLU A 21 14.89 37.53 -11.51
N CYS A 22 14.20 36.51 -11.99
CA CYS A 22 12.79 36.41 -11.68
C CYS A 22 12.54 36.28 -10.21
N HIS A 23 13.39 35.54 -9.51
CA HIS A 23 13.19 35.38 -8.10
C HIS A 23 13.27 36.72 -7.40
N ASN A 24 14.24 37.54 -7.81
CA ASN A 24 14.37 38.84 -7.19
C ASN A 24 13.17 39.72 -7.43
N VAL A 25 12.63 39.66 -8.64
CA VAL A 25 11.50 40.49 -8.97
C VAL A 25 10.35 40.14 -8.05
N TRP A 26 10.12 38.86 -7.81
CA TRP A 26 9.03 38.48 -6.95
C TRP A 26 9.25 38.94 -5.53
N ALA A 27 10.46 38.81 -5.04
CA ALA A 27 10.74 39.20 -3.68
C ALA A 27 10.54 40.67 -3.44
N THR A 28 10.98 41.50 -4.37
CA THR A 28 10.85 42.93 -4.20
C THR A 28 9.40 43.37 -4.03
N HIS A 29 8.48 42.54 -4.51
CA HIS A 29 7.07 42.89 -4.42
C HIS A 29 6.40 42.28 -3.19
N ALA A 30 6.97 41.21 -2.63
CA ALA A 30 6.33 40.49 -1.55
C ALA A 30 7.20 40.35 -0.31
N CYS A 31 8.48 40.71 -0.36
CA CYS A 31 9.33 40.60 0.82
C CYS A 31 9.88 41.97 1.22
N VAL A 32 10.29 42.04 2.48
CA VAL A 32 10.89 43.25 3.06
C VAL A 32 12.38 42.96 3.21
N PRO A 33 13.24 43.98 3.26
CA PRO A 33 14.67 43.71 3.42
C PRO A 33 14.94 43.01 4.74
N THR A 34 15.91 42.10 4.72
CA THR A 34 16.27 41.35 5.91
C THR A 34 16.63 42.32 7.04
N ASP A 35 16.11 42.05 8.23
CA ASP A 35 16.58 42.78 9.40
C ASP A 35 18.11 42.66 9.48
N PRO A 36 18.84 43.76 9.59
CA PRO A 36 20.30 43.66 9.52
C PRO A 36 20.89 42.91 10.69
N ASN A 37 20.53 43.31 11.91
CA ASN A 37 21.02 42.64 13.11
C ASN A 37 19.88 41.87 13.74
N PRO A 38 19.92 40.53 13.75
CA PRO A 38 18.85 39.76 14.40
C PRO A 38 19.22 39.39 15.82
N GLN A 39 18.28 39.58 16.76
CA GLN A 39 18.52 39.26 18.16
C GLN A 39 17.77 37.97 18.50
N GLU A 40 18.53 36.89 18.71
CA GLU A 40 17.98 35.62 19.13
C GLU A 40 18.28 35.41 20.61
N VAL A 41 17.27 34.99 21.37
CA VAL A 41 17.39 34.81 22.82
C VAL A 41 17.18 33.32 23.09
N VAL A 42 18.28 32.62 23.38
CA VAL A 42 18.16 31.27 23.95
C VAL A 42 17.39 31.37 25.26
N LEU A 43 16.62 30.32 25.56
CA LEU A 43 15.80 30.27 26.76
C LEU A 43 16.30 29.13 27.64
N GLU A 44 16.70 29.46 28.87
CA GLU A 44 17.26 28.49 29.77
C GLU A 44 16.18 27.69 30.50
N ASN A 45 16.41 26.39 30.65
CA ASN A 45 15.52 25.51 31.39
C ASN A 45 14.11 25.48 30.76
N VAL A 46 14.06 25.31 29.45
CA VAL A 46 12.81 25.23 28.72
C VAL A 46 12.88 24.07 27.74
N THR A 47 11.71 23.49 27.45
CA THR A 47 11.60 22.41 26.49
C THR A 47 10.28 22.57 25.75
N GLU A 48 10.33 22.46 24.42
CA GLU A 48 9.18 22.78 23.58
C GLU A 48 8.93 21.67 22.57
N ASN A 49 7.65 21.45 22.28
CA ASN A 49 7.23 20.40 21.36
C ASN A 49 7.14 20.90 19.93
N PHE A 50 7.60 20.08 18.99
CA PHE A 50 7.66 20.42 17.58
C PHE A 50 7.16 19.26 16.75
N ASN A 51 6.42 19.56 15.69
CA ASN A 51 6.02 18.52 14.74
C ASN A 51 6.19 19.10 13.34
N MET A 52 7.30 18.75 12.68
CA MET A 52 7.50 19.24 11.32
C MET A 52 6.37 18.83 10.40
N TRP A 53 5.76 17.67 10.66
CA TRP A 53 4.76 17.12 9.75
C TRP A 53 3.41 17.82 9.88
N LYS A 54 3.16 18.52 10.99
CA LYS A 54 1.93 19.28 11.19
C LYS A 54 2.18 20.77 11.21
N ASN A 55 3.30 21.21 10.63
CA ASN A 55 3.71 22.61 10.66
C ASN A 55 3.04 23.38 9.53
N ASP A 56 2.33 24.44 9.89
CA ASP A 56 1.59 25.23 8.90
C ASP A 56 2.48 26.24 8.19
N MET A 57 3.70 26.48 8.69
CA MET A 57 4.64 27.31 7.94
C MET A 57 4.90 26.72 6.57
N VAL A 58 4.97 25.39 6.48
CA VAL A 58 5.14 24.73 5.20
C VAL A 58 4.02 25.14 4.26
N ASP A 59 2.77 24.97 4.72
CA ASP A 59 1.63 25.28 3.88
C ASP A 59 1.79 26.65 3.26
N GLN A 60 2.32 27.60 4.02
CA GLN A 60 2.52 28.94 3.49
C GLN A 60 3.69 28.99 2.53
N MET A 61 4.85 28.40 2.88
CA MET A 61 5.96 28.39 1.94
C MET A 61 5.55 27.73 0.64
N GLN A 62 4.72 26.69 0.70
CA GLN A 62 4.16 26.11 -0.50
C GLN A 62 3.51 27.19 -1.35
N GLU A 63 2.47 27.84 -0.80
CA GLU A 63 1.73 28.84 -1.55
C GLU A 63 2.68 29.83 -2.22
N ASP A 64 3.73 30.25 -1.51
CA ASP A 64 4.63 31.27 -2.05
C ASP A 64 5.45 30.74 -3.20
N VAL A 65 6.03 29.54 -3.06
CA VAL A 65 6.84 28.99 -4.15
C VAL A 65 5.97 28.73 -5.36
N ILE A 66 4.69 28.41 -5.16
CA ILE A 66 3.76 28.38 -6.28
C ILE A 66 3.66 29.78 -6.88
N SER A 67 3.50 30.77 -6.03
CA SER A 67 3.39 32.14 -6.50
C SER A 67 4.51 32.51 -7.46
N ILE A 68 5.74 32.25 -7.07
CA ILE A 68 6.86 32.61 -7.91
C ILE A 68 6.79 31.91 -9.24
N TRP A 69 6.46 30.63 -9.20
CA TRP A 69 6.35 29.86 -10.42
C TRP A 69 5.25 30.38 -11.30
N ASP A 70 4.20 30.87 -10.68
CA ASP A 70 3.08 31.40 -11.42
C ASP A 70 3.57 32.55 -12.26
N GLN A 71 4.44 33.38 -11.71
CA GLN A 71 4.96 34.50 -12.48
C GLN A 71 6.31 34.22 -13.10
N CYS A 72 7.17 33.53 -12.36
CA CYS A 72 8.49 33.20 -12.85
C CYS A 72 8.55 32.23 -14.02
N LEU A 73 7.74 31.18 -13.97
CA LEU A 73 7.76 30.21 -15.03
C LEU A 73 6.40 29.93 -15.58
N LYS A 74 5.87 30.88 -16.34
CA LYS A 74 4.56 30.67 -16.93
C LYS A 74 4.66 29.62 -18.03
N PRO A 75 3.86 28.56 -17.99
CA PRO A 75 3.84 27.62 -19.12
C PRO A 75 3.06 28.19 -20.30
N CYS A 76 3.49 27.78 -21.49
CA CYS A 76 2.80 28.20 -22.71
C CYS A 76 1.36 27.71 -22.70
N VAL A 77 1.17 26.42 -22.38
CA VAL A 77 -0.15 25.82 -22.22
C VAL A 77 -0.09 24.86 -21.05
N LYS A 78 -1.06 24.96 -20.15
CA LYS A 78 -1.17 24.03 -19.04
C LYS A 78 -2.54 23.34 -19.09
N LEU A 79 -2.50 22.03 -18.90
CA LEU A 79 -3.67 21.18 -19.08
C LEU A 79 -4.06 20.56 -17.75
N THR A 80 -5.35 20.64 -17.43
CA THR A 80 -5.96 19.81 -16.41
C THR A 80 -7.20 19.18 -17.03
N ASN A 81 -7.86 18.27 -16.34
CA ASN A 81 -9.13 17.72 -16.83
C ASN A 81 -10.35 18.63 -16.67
N THR A 82 -10.23 19.78 -16.02
CA THR A 82 -11.25 20.83 -16.06
C THR A 82 -10.96 21.92 -17.06
N SER A 83 -9.69 22.22 -17.31
CA SER A 83 -9.29 23.53 -17.79
C SER A 83 -8.14 23.38 -18.77
N THR A 84 -8.19 24.12 -19.86
CA THR A 84 -7.07 24.23 -20.77
C THR A 84 -6.70 25.68 -20.96
N LEU A 85 -5.40 25.93 -20.94
CA LEU A 85 -4.88 27.27 -20.85
C LEU A 85 -3.74 27.41 -21.85
N THR A 86 -3.80 28.46 -22.63
CA THR A 86 -2.73 28.83 -23.55
C THR A 86 -2.43 30.30 -23.32
N GLN A 87 -1.16 30.65 -23.17
CA GLN A 87 -0.85 32.02 -22.79
C GLN A 87 0.57 32.37 -23.15
N ALA A 88 0.92 33.62 -22.85
CA ALA A 88 2.26 34.12 -23.06
C ALA A 88 3.26 33.24 -22.32
N CYS A 89 4.40 33.05 -22.93
CA CYS A 89 5.27 32.00 -22.45
C CYS A 89 6.71 32.45 -22.30
N PRO A 90 6.98 33.71 -21.93
CA PRO A 90 8.35 34.21 -22.09
C PRO A 90 9.33 33.41 -21.26
N LYS A 91 10.57 33.40 -21.73
CA LYS A 91 11.67 32.86 -20.96
C LYS A 91 12.14 33.94 -20.00
N VAL A 92 12.51 33.56 -18.79
CA VAL A 92 12.99 34.54 -17.85
C VAL A 92 14.29 34.11 -17.22
N THR A 93 15.00 35.07 -16.65
CA THR A 93 16.25 34.77 -15.97
C THR A 93 15.73 34.08 -14.75
N PHE A 94 16.47 33.12 -14.22
CA PHE A 94 15.96 32.39 -13.07
C PHE A 94 16.99 31.81 -12.11
N ASP A 95 17.08 32.37 -10.91
CA ASP A 95 17.99 31.85 -9.91
C ASP A 95 17.31 31.95 -8.55
N PRO A 96 17.08 30.84 -7.87
CA PRO A 96 16.39 30.89 -6.57
C PRO A 96 17.22 31.62 -5.53
N ILE A 97 16.56 32.46 -4.76
CA ILE A 97 17.23 33.21 -3.69
C ILE A 97 16.71 32.76 -2.34
N PRO A 98 17.52 32.82 -1.28
CA PRO A 98 16.99 32.50 0.04
C PRO A 98 15.80 33.37 0.40
N ILE A 99 14.88 32.79 1.16
CA ILE A 99 13.70 33.48 1.64
C ILE A 99 13.61 33.28 3.14
N HIS A 100 13.40 34.37 3.87
CA HIS A 100 13.19 34.33 5.30
C HIS A 100 11.71 34.52 5.59
N TYR A 101 11.25 33.90 6.68
CA TYR A 101 9.85 33.96 7.11
C TYR A 101 9.82 34.53 8.52
N CYS A 102 9.39 35.79 8.65
CA CYS A 102 9.34 36.46 9.94
C CYS A 102 7.92 36.48 10.51
N ALA A 103 7.85 36.90 11.78
CA ALA A 103 6.60 36.89 12.54
C ALA A 103 6.15 38.32 12.83
N PRO A 104 4.86 38.65 12.65
CA PRO A 104 4.40 39.98 13.05
C PRO A 104 4.31 40.15 14.56
N ALA A 105 3.81 41.31 15.00
CA ALA A 105 3.62 41.57 16.42
C ALA A 105 2.51 40.69 16.99
N GLY A 106 2.67 40.33 18.27
CA GLY A 106 1.81 39.35 18.89
C GLY A 106 2.27 37.93 18.71
N TYR A 107 3.28 37.69 17.89
CA TYR A 107 3.74 36.34 17.60
C TYR A 107 5.26 36.34 17.50
N ALA A 108 5.82 35.14 17.69
CA ALA A 108 7.25 34.91 17.59
C ALA A 108 7.47 33.49 17.10
N ILE A 109 8.69 33.22 16.63
CA ILE A 109 9.05 31.93 16.07
C ILE A 109 10.00 31.24 17.03
N LEU A 110 9.83 29.94 17.23
CA LEU A 110 10.70 29.16 18.11
C LEU A 110 11.52 28.18 17.29
N LYS A 111 12.80 28.10 17.62
CA LYS A 111 13.77 27.30 16.89
C LYS A 111 14.38 26.26 17.82
N CYS A 112 14.56 25.05 17.30
CA CYS A 112 15.20 23.97 18.03
C CYS A 112 16.65 23.84 17.58
N ASN A 113 17.59 24.07 18.50
CA ASN A 113 19.02 24.09 18.19
C ASN A 113 19.70 22.76 18.47
N ASN A 114 18.98 21.77 18.99
CA ASN A 114 19.54 20.44 19.14
C ASN A 114 20.03 19.95 17.79
N LYS A 115 21.31 19.61 17.71
CA LYS A 115 21.89 19.25 16.42
C LYS A 115 21.34 17.93 15.87
N THR A 116 20.49 17.23 16.63
CA THR A 116 20.05 15.89 16.24
C THR A 116 18.55 15.69 16.34
N PHE A 117 17.76 16.76 16.36
CA PHE A 117 16.31 16.61 16.52
C PHE A 117 15.68 16.06 15.23
N ASN A 118 14.78 15.08 15.39
CA ASN A 118 14.18 14.40 14.25
C ASN A 118 13.03 15.17 13.63
N GLY A 119 12.46 16.14 14.34
CA GLY A 119 11.38 16.98 13.83
C GLY A 119 10.06 16.81 14.53
N LYS A 120 9.85 15.72 15.25
CA LYS A 120 8.64 15.49 16.03
C LYS A 120 9.05 15.23 17.48
N GLY A 121 8.76 16.19 18.35
CA GLY A 121 9.00 16.00 19.76
C GLY A 121 9.50 17.23 20.47
N PRO A 122 9.89 17.06 21.73
CA PRO A 122 10.38 18.18 22.53
C PRO A 122 11.84 18.49 22.23
N CYS A 123 12.26 19.69 22.66
CA CYS A 123 13.59 20.20 22.38
C CYS A 123 14.15 20.90 23.61
N ASN A 124 15.31 20.44 24.10
CA ASN A 124 15.89 21.03 25.31
C ASN A 124 16.41 22.44 25.04
N ASN A 125 17.31 22.56 24.06
CA ASN A 125 18.00 23.82 23.77
C ASN A 125 17.18 24.57 22.74
N VAL A 126 16.25 25.38 23.25
CA VAL A 126 15.32 26.14 22.41
C VAL A 126 15.67 27.61 22.51
N SER A 127 15.69 28.29 21.38
CA SER A 127 15.87 29.72 21.29
C SER A 127 14.63 30.37 20.68
N THR A 128 14.68 31.69 20.51
CA THR A 128 13.56 32.46 19.99
C THR A 128 14.09 33.47 18.99
N VAL A 129 13.44 33.55 17.83
CA VAL A 129 13.86 34.45 16.77
C VAL A 129 12.62 35.16 16.22
N GLN A 130 12.86 36.27 15.53
CA GLN A 130 11.80 36.99 14.82
C GLN A 130 11.76 36.65 13.34
N CYS A 131 12.68 35.83 12.84
CA CYS A 131 12.69 35.51 11.41
C CYS A 131 13.57 34.29 11.11
N THR A 132 13.02 33.35 10.33
CA THR A 132 13.73 32.13 9.97
C THR A 132 15.07 32.45 9.31
N HIS A 133 15.89 31.41 9.12
CA HIS A 133 17.01 31.57 8.22
C HIS A 133 16.51 31.74 6.80
N GLY A 134 17.43 32.03 5.88
CA GLY A 134 17.04 32.23 4.50
C GLY A 134 17.05 30.93 3.75
N ILE A 135 15.89 30.55 3.20
CA ILE A 135 15.71 29.24 2.57
C ILE A 135 15.57 29.48 1.07
N LYS A 136 16.41 28.82 0.29
CA LYS A 136 16.32 28.92 -1.16
C LYS A 136 15.23 27.97 -1.64
N PRO A 137 14.13 28.49 -2.39
CA PRO A 137 13.02 27.61 -2.77
C PRO A 137 13.38 26.70 -3.94
N VAL A 138 14.33 25.78 -3.69
CA VAL A 138 14.69 24.85 -4.74
C VAL A 138 13.59 23.80 -4.84
N VAL A 139 13.18 23.52 -6.08
CA VAL A 139 12.23 22.47 -6.38
C VAL A 139 13.04 21.32 -6.95
N SER A 140 12.93 20.13 -6.35
CA SER A 140 13.69 18.99 -6.84
C SER A 140 13.10 17.71 -6.25
N THR A 141 13.63 16.58 -6.71
CA THR A 141 13.12 15.27 -6.33
C THR A 141 14.29 14.35 -6.04
N GLN A 142 14.01 13.29 -5.29
CA GLN A 142 15.05 12.32 -4.98
C GLN A 142 16.17 12.96 -4.18
N LEU A 143 16.85 13.95 -4.75
CA LEU A 143 17.95 14.63 -4.09
C LEU A 143 17.51 16.03 -3.68
N LEU A 144 17.84 16.41 -2.46
CA LEU A 144 17.58 17.75 -1.98
C LEU A 144 18.80 18.61 -2.21
N LEU A 145 18.60 19.75 -2.85
CA LEU A 145 19.68 20.60 -3.33
C LEU A 145 19.75 21.91 -2.56
N ASN A 146 20.98 22.40 -2.35
CA ASN A 146 21.26 23.74 -1.83
C ASN A 146 20.64 24.04 -0.46
N GLY A 147 20.14 23.04 0.25
CA GLY A 147 19.56 23.27 1.55
C GLY A 147 20.62 23.50 2.62
N SER A 148 20.12 23.56 3.86
CA SER A 148 21.01 23.53 5.01
C SER A 148 21.50 22.11 5.25
N LEU A 149 22.62 22.02 5.96
CA LEU A 149 23.30 20.76 6.19
C LEU A 149 23.33 20.44 7.68
N ALA A 150 23.20 19.15 8.01
CA ALA A 150 23.16 18.72 9.40
C ALA A 150 24.43 19.17 10.12
N GLU A 151 24.25 19.67 11.34
CA GLU A 151 25.36 20.30 12.06
C GLU A 151 26.45 19.29 12.40
N GLU A 152 26.07 18.12 12.92
CA GLU A 152 27.04 17.14 13.41
C GLU A 152 26.96 15.84 12.62
N GLU A 153 25.87 15.08 12.76
CA GLU A 153 25.76 13.77 12.16
C GLU A 153 24.48 13.71 11.33
N ILE A 154 24.45 12.72 10.43
CA ILE A 154 23.28 12.49 9.58
C ILE A 154 22.03 12.37 10.44
N VAL A 155 20.90 12.83 9.91
CA VAL A 155 19.61 12.76 10.59
C VAL A 155 18.57 12.19 9.64
N ILE A 156 17.84 11.20 10.12
CA ILE A 156 16.76 10.56 9.38
C ILE A 156 15.45 11.10 9.92
N ARG A 157 14.60 11.63 9.04
CA ARG A 157 13.35 12.22 9.47
C ARG A 157 12.16 11.59 8.77
N SER A 158 11.27 10.99 9.56
CA SER A 158 10.02 10.45 9.08
C SER A 158 8.99 10.61 10.19
N LYS A 159 7.71 10.57 9.81
CA LYS A 159 6.63 10.59 10.79
C LYS A 159 6.48 9.23 11.45
N ASP A 160 6.40 8.17 10.64
CA ASP A 160 6.29 6.81 11.16
C ASP A 160 7.17 5.90 10.30
N LEU A 161 8.40 5.65 10.78
CA LEU A 161 9.39 4.94 9.99
C LEU A 161 8.96 3.52 9.65
N SER A 162 8.09 2.91 10.48
CA SER A 162 7.54 1.60 10.16
C SER A 162 6.50 1.67 9.05
N ASP A 163 5.93 2.86 8.82
CA ASP A 163 4.96 3.03 7.75
C ASP A 163 5.70 3.23 6.44
N ASN A 164 5.64 2.26 5.56
CA ASN A 164 6.29 2.36 4.25
C ASN A 164 5.57 3.31 3.30
N ALA A 165 4.54 4.01 3.76
CA ALA A 165 3.84 5.01 2.96
C ALA A 165 4.19 6.44 3.39
N LYS A 166 5.29 6.63 4.11
CA LYS A 166 5.67 7.94 4.59
C LYS A 166 7.06 8.31 4.09
N ILE A 167 7.23 9.56 3.65
CA ILE A 167 8.53 9.95 3.08
C ILE A 167 9.60 9.84 4.15
N ILE A 168 10.81 9.57 3.70
CA ILE A 168 11.99 9.56 4.56
C ILE A 168 12.87 10.71 4.06
N ILE A 169 12.86 11.81 4.78
CA ILE A 169 13.78 12.90 4.50
C ILE A 169 15.11 12.58 5.15
N VAL A 170 16.19 12.74 4.39
CA VAL A 170 17.53 12.54 4.90
C VAL A 170 18.25 13.86 4.78
N GLN A 171 18.80 14.31 5.88
CA GLN A 171 19.62 15.51 5.92
C GLN A 171 21.07 15.06 6.05
N LEU A 172 21.83 15.18 4.96
CA LEU A 172 23.22 14.77 4.99
C LEU A 172 23.96 15.62 6.01
N ASN A 173 25.25 15.40 6.16
CA ASN A 173 26.06 16.36 6.86
C ASN A 173 27.33 16.69 6.11
N LYS A 174 27.69 15.93 5.09
CA LYS A 174 28.74 16.34 4.16
C LYS A 174 28.13 16.47 2.78
N SER A 175 28.17 17.68 2.22
CA SER A 175 27.54 17.91 0.93
C SER A 175 28.28 17.17 -0.18
N VAL A 176 27.59 17.01 -1.30
CA VAL A 176 28.17 16.39 -2.49
C VAL A 176 27.89 17.29 -3.68
N GLU A 177 28.93 17.66 -4.40
CA GLU A 177 28.76 18.50 -5.58
C GLU A 177 28.11 17.70 -6.68
N ILE A 178 27.27 18.37 -7.45
CA ILE A 178 26.70 17.82 -8.67
C ILE A 178 26.65 18.93 -9.71
N VAL A 179 27.09 18.62 -10.92
CA VAL A 179 27.18 19.58 -12.01
C VAL A 179 26.37 19.03 -13.16
N CYS A 180 25.33 19.76 -13.54
CA CYS A 180 24.42 19.36 -14.61
C CYS A 180 24.54 20.33 -15.75
N THR A 181 24.82 19.82 -16.95
CA THR A 181 25.08 20.69 -18.11
C THR A 181 24.32 20.25 -19.35
N ARG A 182 23.78 21.22 -20.04
CA ARG A 182 23.35 21.04 -21.40
C ARG A 182 24.30 21.88 -22.22
N PRO A 183 24.97 21.28 -23.18
CA PRO A 183 25.93 22.06 -24.00
C PRO A 183 25.39 22.56 -25.33
N ASN A 184 26.17 23.41 -26.02
CA ASN A 184 25.75 24.03 -27.26
C ASN A 184 26.29 23.29 -28.47
N ASP A 193 18.10 14.31 -28.04
CA ASP A 193 19.53 14.03 -27.89
C ASP A 193 20.31 15.32 -28.08
N ILE A 194 19.74 16.25 -28.84
CA ILE A 194 20.21 17.64 -28.82
C ILE A 194 19.46 18.46 -27.78
N ARG A 195 18.42 17.88 -27.16
CA ARG A 195 17.92 18.30 -25.86
C ARG A 195 18.51 17.46 -24.74
N GLN A 196 19.63 16.80 -25.02
CA GLN A 196 20.30 15.97 -24.04
C GLN A 196 21.22 16.83 -23.18
N ALA A 197 21.32 16.43 -21.93
CA ALA A 197 22.23 17.06 -20.97
C ALA A 197 22.75 15.98 -20.04
N TYR A 198 23.58 16.38 -19.09
CA TYR A 198 24.23 15.40 -18.24
C TYR A 198 24.66 16.04 -16.94
N CYS A 199 24.81 15.20 -15.91
CA CYS A 199 25.36 15.63 -14.64
C CYS A 199 26.57 14.77 -14.28
N ASN A 200 27.52 15.36 -13.57
CA ASN A 200 28.71 14.69 -13.08
C ASN A 200 28.73 14.71 -11.57
N ILE A 201 29.06 13.58 -10.95
CA ILE A 201 29.32 13.60 -9.52
C ILE A 201 30.45 12.68 -9.14
N SER A 202 31.12 13.05 -8.07
CA SER A 202 32.24 12.28 -7.53
C SER A 202 31.65 11.03 -6.90
N GLY A 203 31.90 9.89 -7.51
CA GLY A 203 31.57 8.59 -6.95
C GLY A 203 32.02 8.48 -5.52
N ARG A 204 33.31 8.77 -5.27
CA ARG A 204 33.85 8.62 -3.93
C ARG A 204 33.08 9.49 -2.94
N ASN A 205 32.87 10.77 -3.27
CA ASN A 205 32.13 11.64 -2.36
C ASN A 205 30.69 11.15 -2.21
N TRP A 206 30.08 10.66 -3.29
CA TRP A 206 28.70 10.17 -3.23
C TRP A 206 28.62 8.86 -2.46
N SER A 207 29.47 7.88 -2.80
CA SER A 207 29.45 6.62 -2.06
C SER A 207 29.69 6.86 -0.57
N GLU A 208 30.71 7.66 -0.24
CA GLU A 208 30.94 8.01 1.16
C GLU A 208 29.65 8.48 1.80
N ALA A 209 28.91 9.34 1.11
CA ALA A 209 27.61 9.77 1.60
C ALA A 209 26.65 8.58 1.71
N VAL A 210 26.54 7.80 0.62
CA VAL A 210 25.59 6.68 0.62
C VAL A 210 25.88 5.71 1.75
N ASN A 211 27.13 5.59 2.17
CA ASN A 211 27.46 4.68 3.26
C ASN A 211 27.16 5.31 4.61
N GLN A 212 27.65 6.53 4.85
CA GLN A 212 27.37 7.20 6.11
C GLN A 212 25.87 7.19 6.41
N VAL A 213 25.04 7.19 5.37
CA VAL A 213 23.60 7.15 5.56
C VAL A 213 23.06 5.72 5.61
N LYS A 214 23.55 4.83 4.74
CA LYS A 214 23.15 3.43 4.84
C LYS A 214 23.56 2.84 6.18
N LYS A 215 24.66 3.35 6.74
CA LYS A 215 25.06 2.96 8.09
C LYS A 215 24.04 3.52 9.08
N LYS A 216 23.87 4.85 9.08
CA LYS A 216 22.86 5.48 9.92
C LYS A 216 21.52 4.76 9.85
N LEU A 217 21.21 4.14 8.71
CA LEU A 217 19.87 3.60 8.54
C LEU A 217 19.69 2.30 9.30
N LYS A 218 20.67 1.40 9.26
CA LYS A 218 20.56 0.17 10.04
C LYS A 218 20.47 0.47 11.52
N GLU A 219 21.03 1.60 11.97
CA GLU A 219 20.90 2.00 13.38
C GLU A 219 19.43 2.04 13.81
N HIS A 220 18.53 2.41 12.89
CA HIS A 220 17.10 2.41 13.15
C HIS A 220 16.44 1.05 12.95
N PHE A 221 17.21 -0.02 12.75
CA PHE A 221 16.65 -1.33 12.46
C PHE A 221 17.54 -2.40 13.07
N PRO A 222 17.00 -3.57 13.40
CA PRO A 222 17.80 -4.58 14.09
C PRO A 222 18.54 -5.53 13.15
N HIS A 223 19.86 -5.38 13.05
CA HIS A 223 20.72 -6.31 12.32
C HIS A 223 20.13 -6.64 10.96
N LYS A 224 19.69 -5.60 10.26
CA LYS A 224 19.13 -5.72 8.92
C LYS A 224 20.09 -5.09 7.91
N ASN A 225 20.27 -5.77 6.78
CA ASN A 225 21.09 -5.26 5.70
C ASN A 225 20.32 -4.20 4.91
N ILE A 226 21.06 -3.23 4.39
CA ILE A 226 20.50 -2.06 3.72
C ILE A 226 20.85 -2.13 2.24
N SER A 227 19.88 -1.77 1.39
CA SER A 227 20.08 -1.80 -0.05
C SER A 227 19.49 -0.53 -0.64
N PHE A 228 20.11 -0.08 -1.75
CA PHE A 228 19.65 1.07 -2.49
C PHE A 228 19.35 0.69 -3.92
N GLN A 229 18.14 1.03 -4.37
CA GLN A 229 17.71 0.70 -5.71
C GLN A 229 16.89 1.85 -6.27
N SER A 230 16.75 1.82 -7.59
CA SER A 230 16.03 2.86 -8.28
C SER A 230 14.55 2.80 -7.92
N SER A 231 13.80 3.80 -8.37
CA SER A 231 12.40 3.91 -7.97
C SER A 231 11.60 2.72 -8.48
N SER A 232 10.54 2.38 -7.73
CA SER A 232 9.69 1.26 -8.12
C SER A 232 8.84 1.64 -9.34
N GLY A 233 8.36 2.89 -9.36
CA GLY A 233 7.56 3.36 -10.48
C GLY A 233 7.14 4.80 -10.22
N GLY A 234 6.63 5.44 -11.27
CA GLY A 234 6.13 6.79 -11.11
C GLY A 234 6.34 7.68 -12.32
N ASP A 235 5.70 8.85 -12.30
CA ASP A 235 5.96 9.86 -13.32
C ASP A 235 7.46 10.15 -13.41
N LEU A 236 7.90 10.61 -14.57
CA LEU A 236 9.32 10.87 -14.75
C LEU A 236 9.84 11.82 -13.68
N GLU A 237 9.00 12.73 -13.19
CA GLU A 237 9.41 13.65 -12.12
C GLU A 237 9.87 12.89 -10.88
N ILE A 238 9.18 11.79 -10.56
CA ILE A 238 9.56 10.96 -9.43
C ILE A 238 10.79 10.14 -9.78
N THR A 239 10.73 9.45 -10.91
CA THR A 239 11.69 8.38 -11.19
C THR A 239 13.01 8.93 -11.69
N THR A 240 13.19 10.24 -11.67
CA THR A 240 14.42 10.90 -12.03
C THR A 240 14.69 12.02 -11.03
N HIS A 241 15.95 12.34 -10.86
CA HIS A 241 16.30 13.58 -10.21
C HIS A 241 15.90 14.70 -11.15
N SER A 242 14.73 15.26 -10.93
CA SER A 242 14.16 16.28 -11.79
C SER A 242 14.28 17.63 -11.11
N PHE A 243 14.45 18.67 -11.91
CA PHE A 243 14.60 20.02 -11.40
C PHE A 243 14.55 21.00 -12.56
N ASN A 244 14.56 22.28 -12.21
CA ASN A 244 14.66 23.36 -13.17
C ASN A 244 16.00 24.06 -12.98
N CYS A 245 16.67 24.36 -14.07
CA CYS A 245 17.86 25.18 -14.02
C CYS A 245 17.86 26.16 -15.17
N GLY A 246 17.93 27.44 -14.84
CA GLY A 246 17.76 28.48 -15.85
C GLY A 246 16.45 28.37 -16.59
N GLY A 247 15.36 28.09 -15.88
CA GLY A 247 14.07 28.01 -16.52
C GLY A 247 13.93 26.83 -17.46
N GLU A 248 14.87 25.89 -17.42
CA GLU A 248 14.79 24.65 -18.18
C GLU A 248 14.69 23.47 -17.25
N PHE A 249 13.91 22.49 -17.66
CA PHE A 249 13.55 21.37 -16.80
C PHE A 249 14.44 20.20 -17.14
N PHE A 250 15.30 19.86 -16.20
CA PHE A 250 16.18 18.70 -16.32
C PHE A 250 15.49 17.52 -15.66
N TYR A 251 15.54 16.38 -16.32
CA TYR A 251 15.21 15.10 -15.72
C TYR A 251 16.45 14.22 -15.84
N CYS A 252 17.04 13.86 -14.71
CA CYS A 252 18.33 13.19 -14.71
C CYS A 252 18.22 11.82 -14.07
N ASN A 253 19.02 10.87 -14.56
CA ASN A 253 18.79 9.46 -14.26
C ASN A 253 19.77 9.02 -13.17
N THR A 254 19.22 8.80 -11.98
CA THR A 254 19.94 8.53 -10.75
C THR A 254 20.19 7.05 -10.53
N SER A 255 19.92 6.20 -11.54
CA SER A 255 20.23 4.77 -11.43
C SER A 255 21.69 4.54 -11.08
N GLY A 256 22.56 5.52 -11.31
CA GLY A 256 23.95 5.39 -10.94
C GLY A 256 24.24 6.05 -9.61
N LEU A 257 23.25 6.72 -9.02
CA LEU A 257 23.38 7.22 -7.66
C LEU A 257 22.70 6.34 -6.61
N PHE A 258 21.75 5.50 -7.01
CA PHE A 258 21.04 4.64 -6.06
C PHE A 258 21.28 3.19 -6.46
N ASN A 259 22.44 2.68 -6.05
CA ASN A 259 22.90 1.35 -6.41
C ASN A 259 23.74 0.86 -5.24
N ASP A 260 23.84 -0.47 -5.09
CA ASP A 260 24.65 -1.04 -4.02
C ASP A 260 26.11 -1.20 -4.40
N THR A 261 26.46 -0.85 -5.63
CA THR A 261 27.85 -0.71 -6.07
C THR A 261 27.99 0.68 -6.63
N ILE A 262 28.87 1.48 -6.04
CA ILE A 262 29.03 2.89 -6.40
C ILE A 262 30.31 3.04 -7.21
N SER A 263 30.19 3.56 -8.42
CA SER A 263 31.23 3.45 -9.44
C SER A 263 32.42 4.35 -9.11
N ASN A 264 33.31 4.50 -10.11
CA ASN A 264 34.46 5.39 -10.02
C ASN A 264 34.06 6.77 -9.54
N ALA A 265 35.03 7.57 -9.09
CA ALA A 265 34.74 8.90 -8.59
C ALA A 265 33.82 9.64 -9.56
N THR A 266 34.33 10.05 -10.72
CA THR A 266 33.45 10.71 -11.68
C THR A 266 32.47 9.69 -12.26
N ILE A 267 31.18 9.90 -12.02
CA ILE A 267 30.13 9.13 -12.68
C ILE A 267 29.18 10.09 -13.37
N MET A 268 28.67 9.68 -14.53
CA MET A 268 27.95 10.56 -15.42
C MET A 268 26.48 10.17 -15.47
N LEU A 269 25.61 11.16 -15.30
CA LEU A 269 24.17 10.91 -15.27
C LEU A 269 23.54 11.40 -16.57
N PRO A 270 22.89 10.53 -17.34
CA PRO A 270 22.15 11.01 -18.51
C PRO A 270 20.95 11.85 -18.07
N CYS A 271 20.81 13.02 -18.68
CA CYS A 271 19.63 13.85 -18.47
C CYS A 271 18.97 14.14 -19.80
N ARG A 272 17.75 14.68 -19.69
CA ARG A 272 16.96 15.07 -20.83
C ARG A 272 16.16 16.32 -20.46
N ILE A 273 15.99 17.21 -21.44
CA ILE A 273 15.31 18.48 -21.25
C ILE A 273 13.90 18.32 -21.79
N LYS A 274 12.91 18.62 -20.97
CA LYS A 274 11.52 18.39 -21.34
C LYS A 274 10.78 19.70 -21.51
N GLN A 275 9.92 19.74 -22.53
CA GLN A 275 8.94 20.79 -22.71
C GLN A 275 7.58 20.48 -22.09
N ILE A 276 7.30 19.20 -21.79
CA ILE A 276 6.06 18.80 -21.15
C ILE A 276 6.39 18.25 -19.78
N ILE A 277 5.69 18.73 -18.76
CA ILE A 277 5.95 18.31 -17.40
C ILE A 277 4.64 18.13 -16.66
N ASN A 278 4.63 17.14 -15.76
CA ASN A 278 3.55 16.98 -14.80
C ASN A 278 3.79 17.94 -13.65
N MET A 279 2.76 18.67 -13.26
CA MET A 279 2.95 19.80 -12.35
C MET A 279 2.93 19.33 -10.91
N TRP A 280 3.69 20.02 -10.07
CA TRP A 280 3.67 19.76 -8.63
C TRP A 280 2.82 20.74 -7.86
N GLN A 281 2.51 21.91 -8.44
CA GLN A 281 1.60 22.85 -7.81
C GLN A 281 0.19 22.31 -7.75
N GLU A 282 -0.13 21.38 -8.63
CA GLU A 282 -1.48 21.04 -9.02
C GLU A 282 -1.38 19.70 -9.75
N VAL A 283 -2.52 19.16 -10.17
CA VAL A 283 -2.54 17.94 -10.96
C VAL A 283 -2.78 18.33 -12.40
N GLY A 284 -1.73 18.30 -13.21
CA GLY A 284 -1.86 18.61 -14.61
C GLY A 284 -0.53 18.51 -15.34
N LYS A 285 -0.58 18.88 -16.61
CA LYS A 285 0.63 18.97 -17.42
C LYS A 285 0.81 20.42 -17.86
N ALA A 286 2.05 20.89 -17.80
CA ALA A 286 2.42 22.21 -18.29
C ALA A 286 3.38 22.04 -19.46
N ILE A 287 3.11 22.73 -20.56
CA ILE A 287 3.98 22.65 -21.72
C ILE A 287 4.76 23.96 -21.83
N TYR A 288 6.05 23.84 -22.10
CA TYR A 288 6.95 24.97 -22.13
C TYR A 288 7.69 25.06 -23.45
N ALA A 289 8.14 26.26 -23.75
CA ALA A 289 8.81 26.49 -25.01
C ALA A 289 10.18 25.80 -24.99
N PRO A 290 10.69 25.41 -26.16
CA PRO A 290 11.91 24.63 -26.20
C PRO A 290 13.03 25.32 -25.45
N PRO A 291 14.08 24.57 -25.14
CA PRO A 291 15.20 25.14 -24.37
C PRO A 291 15.93 26.21 -25.17
N ILE A 292 16.43 27.18 -24.43
CA ILE A 292 17.17 28.28 -25.02
C ILE A 292 18.53 27.77 -25.51
N LYS A 293 19.11 28.48 -26.47
CA LYS A 293 20.45 28.15 -26.88
C LYS A 293 21.39 28.41 -25.71
N GLY A 294 22.47 27.62 -25.63
CA GLY A 294 23.54 27.92 -24.72
C GLY A 294 23.95 26.74 -23.88
N ASN A 295 25.06 26.97 -23.16
CA ASN A 295 25.62 26.03 -22.21
C ASN A 295 24.92 26.25 -20.88
N ILE A 296 23.80 25.55 -20.68
CA ILE A 296 23.05 25.63 -19.43
C ILE A 296 23.74 24.72 -18.42
N THR A 297 24.17 25.28 -17.30
CA THR A 297 24.99 24.49 -16.39
C THR A 297 24.78 24.94 -14.95
N CYS A 298 24.84 23.97 -14.05
CA CYS A 298 24.36 24.15 -12.69
C CYS A 298 25.18 23.26 -11.79
N LYS A 299 26.06 23.86 -11.01
CA LYS A 299 26.75 23.16 -9.94
C LYS A 299 25.89 23.26 -8.68
N SER A 300 25.47 22.12 -8.16
CA SER A 300 24.57 22.10 -7.02
C SER A 300 25.21 21.30 -5.88
N ASP A 301 24.77 21.63 -4.67
CA ASP A 301 25.15 20.91 -3.47
C ASP A 301 23.97 20.06 -3.03
N ILE A 302 24.21 18.75 -2.92
CA ILE A 302 23.21 17.83 -2.40
C ILE A 302 23.29 17.86 -0.89
N THR A 303 22.22 18.32 -0.25
CA THR A 303 22.19 18.45 1.19
C THR A 303 21.31 17.42 1.89
N GLY A 304 20.29 16.91 1.20
CA GLY A 304 19.43 15.89 1.77
C GLY A 304 18.86 14.99 0.70
N LEU A 305 18.24 13.92 1.15
CA LEU A 305 17.65 12.93 0.26
C LEU A 305 16.22 12.68 0.68
N LEU A 306 15.41 12.29 -0.31
CA LEU A 306 14.06 11.80 -0.09
C LEU A 306 14.02 10.35 -0.51
N LEU A 307 13.45 9.50 0.34
CA LEU A 307 13.53 8.07 0.12
C LEU A 307 12.28 7.40 0.63
N LEU A 308 12.08 6.17 0.14
CA LEU A 308 10.96 5.34 0.52
C LEU A 308 11.45 3.92 0.73
N ARG A 309 10.92 3.31 1.78
CA ARG A 309 11.33 2.00 2.18
C ARG A 309 10.29 0.99 1.74
N ASP A 310 10.71 -0.03 1.04
CA ASP A 310 9.80 -1.07 0.60
C ASP A 310 9.16 -1.72 1.82
N GLY A 311 7.87 -2.02 1.71
CA GLY A 311 7.17 -2.74 2.73
C GLY A 311 7.02 -4.22 2.36
N GLY A 312 6.55 -5.01 3.32
CA GLY A 312 6.15 -6.37 3.04
C GLY A 312 7.18 -7.48 3.28
N ASP A 313 7.64 -7.62 4.54
CA ASP A 313 8.26 -8.85 5.03
C ASP A 313 9.71 -9.12 4.61
N THR A 314 10.21 -8.43 3.60
CA THR A 314 11.57 -8.66 3.08
C THR A 314 11.71 -10.01 2.43
N ASN A 317 17.40 -10.94 3.43
CA ASN A 317 16.94 -10.22 4.61
C ASN A 317 17.39 -8.77 4.58
N THR A 318 16.66 -7.93 3.85
CA THR A 318 17.18 -6.62 3.53
C THR A 318 16.07 -5.58 3.53
N GLU A 319 16.39 -4.39 4.01
CA GLU A 319 15.49 -3.25 3.93
C GLU A 319 15.98 -2.38 2.78
N ILE A 320 15.08 -2.11 1.84
CA ILE A 320 15.44 -1.44 0.59
C ILE A 320 14.90 -0.02 0.66
N PHE A 321 15.67 0.90 0.12
CA PHE A 321 15.26 2.29 0.01
C PHE A 321 15.44 2.75 -1.42
N ARG A 322 14.51 3.60 -1.84
CA ARG A 322 14.42 3.99 -3.22
C ARG A 322 14.21 5.49 -3.25
N PRO A 323 14.72 6.22 -4.22
CA PRO A 323 14.49 7.66 -4.21
C PRO A 323 13.02 7.98 -4.34
N GLY A 324 12.50 8.94 -3.60
CA GLY A 324 11.10 9.32 -3.73
C GLY A 324 10.87 10.81 -3.82
N GLY A 325 10.14 11.25 -4.84
CA GLY A 325 9.82 12.66 -5.00
C GLY A 325 8.89 13.39 -4.07
N GLY A 326 7.74 12.79 -3.77
CA GLY A 326 6.84 13.35 -2.78
C GLY A 326 6.17 14.67 -3.15
N ASP A 327 5.43 15.21 -2.19
CA ASP A 327 4.88 16.55 -2.25
C ASP A 327 6.10 17.40 -2.10
N MET A 328 6.10 18.58 -2.70
CA MET A 328 7.21 19.48 -2.50
C MET A 328 7.25 19.89 -1.05
N ARG A 329 6.09 20.16 -0.48
CA ARG A 329 6.04 20.59 0.91
C ARG A 329 7.17 19.95 1.71
N ASP A 330 7.35 18.63 1.53
CA ASP A 330 8.47 17.94 2.16
C ASP A 330 9.78 18.72 1.97
N ASN A 331 10.04 19.16 0.75
CA ASN A 331 11.22 19.99 0.49
C ASN A 331 11.28 21.17 1.46
N TRP A 332 10.15 21.85 1.66
CA TRP A 332 10.09 22.91 2.66
C TRP A 332 10.29 22.35 4.06
N ARG A 333 9.63 21.23 4.36
CA ARG A 333 9.76 20.63 5.69
C ARG A 333 11.21 20.44 6.09
N SER A 334 12.06 20.09 5.13
CA SER A 334 13.46 19.79 5.41
C SER A 334 14.18 20.96 6.04
N GLU A 335 13.71 22.17 5.76
CA GLU A 335 14.30 23.40 6.30
C GLU A 335 13.48 23.96 7.45
N LEU A 336 12.16 23.81 7.40
CA LEU A 336 11.27 24.33 8.42
C LEU A 336 10.99 23.32 9.52
N TYR A 337 11.79 22.26 9.62
CA TYR A 337 11.63 21.32 10.74
C TYR A 337 11.86 22.04 12.06
N LYS A 338 12.86 22.92 12.11
CA LYS A 338 13.38 23.46 13.35
C LYS A 338 12.47 24.50 13.96
N TYR A 339 11.41 24.88 13.27
CA TYR A 339 10.68 26.09 13.61
C TYR A 339 9.26 25.74 14.03
N LYS A 340 8.71 26.63 14.85
CA LYS A 340 7.30 26.62 15.19
C LYS A 340 6.86 28.05 15.43
N VAL A 341 5.54 28.26 15.46
CA VAL A 341 4.95 29.58 15.60
C VAL A 341 4.22 29.64 16.92
N VAL A 342 4.58 30.62 17.75
CA VAL A 342 3.98 30.79 19.07
C VAL A 342 3.35 32.17 19.15
N GLU A 343 2.18 32.24 19.76
CA GLU A 343 1.50 33.50 20.05
C GLU A 343 1.80 33.88 21.48
N ILE A 344 2.28 35.11 21.67
CA ILE A 344 2.58 35.60 23.01
C ILE A 344 1.27 35.81 23.74
N GLN B 1 -21.89 7.87 -1.98
CA GLN B 1 -21.97 6.78 -3.01
C GLN B 1 -20.58 6.41 -3.54
N VAL B 2 -19.64 6.15 -2.64
CA VAL B 2 -18.28 5.83 -3.07
C VAL B 2 -18.35 4.41 -3.63
N GLN B 3 -17.83 4.20 -4.83
CA GLN B 3 -17.80 2.84 -5.36
C GLN B 3 -16.45 2.48 -5.96
N LEU B 4 -16.03 1.24 -5.76
CA LEU B 4 -14.85 0.73 -6.43
C LEU B 4 -15.27 -0.50 -7.22
N VAL B 5 -14.95 -0.52 -8.52
CA VAL B 5 -15.33 -1.64 -9.36
C VAL B 5 -14.14 -2.17 -10.15
N GLN B 6 -14.03 -3.48 -10.19
CA GLN B 6 -12.88 -4.17 -10.79
C GLN B 6 -13.29 -4.90 -12.09
N SER B 7 -12.28 -5.29 -12.89
CA SER B 7 -12.56 -6.02 -14.12
C SER B 7 -13.03 -7.42 -13.77
N GLY B 8 -13.54 -8.15 -14.76
CA GLY B 8 -14.14 -9.43 -14.43
C GLY B 8 -13.07 -10.48 -14.25
N ALA B 9 -13.49 -11.65 -13.73
CA ALA B 9 -12.51 -12.71 -13.54
C ALA B 9 -11.80 -13.00 -14.86
N GLU B 10 -10.51 -13.28 -14.76
CA GLU B 10 -9.65 -13.59 -15.90
C GLU B 10 -8.98 -14.92 -15.58
N VAL B 11 -8.77 -15.75 -16.59
CA VAL B 11 -8.02 -16.98 -16.42
C VAL B 11 -6.86 -16.97 -17.42
N LYS B 12 -5.65 -17.23 -16.92
CA LYS B 12 -4.44 -17.13 -17.72
C LYS B 12 -3.61 -18.36 -17.45
N LYS B 13 -2.69 -18.63 -18.38
CA LYS B 13 -1.80 -19.78 -18.24
C LYS B 13 -0.48 -19.42 -17.57
N PRO B 14 0.11 -20.41 -16.90
CA PRO B 14 1.42 -20.23 -16.28
C PRO B 14 2.43 -19.61 -17.23
N GLY B 15 3.24 -18.69 -16.69
CA GLY B 15 4.27 -18.00 -17.43
C GLY B 15 3.85 -16.70 -18.08
N ALA B 16 2.54 -16.46 -18.21
CA ALA B 16 1.93 -15.26 -18.78
C ALA B 16 1.87 -14.11 -17.77
N SER B 17 1.37 -12.95 -18.23
CA SER B 17 1.14 -11.80 -17.38
C SER B 17 -0.35 -11.42 -17.42
N VAL B 18 -0.81 -10.71 -16.37
CA VAL B 18 -2.19 -10.24 -16.26
C VAL B 18 -2.27 -8.79 -15.78
N LYS B 19 -3.28 -8.06 -16.27
CA LYS B 19 -3.53 -6.67 -15.89
C LYS B 19 -5.00 -6.54 -15.49
N VAL B 20 -5.23 -6.23 -14.21
CA VAL B 20 -6.54 -6.13 -13.58
C VAL B 20 -6.88 -4.66 -13.44
N SER B 21 -8.13 -4.31 -13.68
CA SER B 21 -8.53 -2.93 -13.58
C SER B 21 -9.39 -2.74 -12.34
N CYS B 22 -9.41 -1.49 -11.89
CA CYS B 22 -10.13 -1.10 -10.68
C CYS B 22 -10.64 0.31 -10.95
N LYS B 23 -11.91 0.43 -11.29
CA LYS B 23 -12.52 1.71 -11.59
C LYS B 23 -13.16 2.30 -10.34
N ALA B 24 -12.72 3.50 -9.99
CA ALA B 24 -13.13 4.22 -8.79
C ALA B 24 -14.22 5.24 -9.10
N SER B 25 -15.15 5.40 -8.15
CA SER B 25 -16.11 6.50 -8.23
C SER B 25 -16.39 7.07 -6.85
N GLY B 26 -16.91 8.29 -6.85
CA GLY B 26 -17.37 8.92 -5.63
C GLY B 26 -16.35 9.73 -4.85
N TYR B 27 -15.14 9.92 -5.38
CA TYR B 27 -14.14 10.72 -4.68
C TYR B 27 -13.05 11.18 -5.64
N THR B 28 -12.17 12.07 -5.15
CA THR B 28 -11.03 12.61 -5.91
C THR B 28 -9.94 11.55 -6.00
N PHE B 29 -9.76 11.01 -7.20
CA PHE B 29 -8.93 9.85 -7.38
C PHE B 29 -7.50 10.13 -6.91
N THR B 30 -7.01 11.34 -7.17
CA THR B 30 -5.63 11.64 -6.78
C THR B 30 -5.52 11.83 -5.27
N GLY B 31 -6.63 11.87 -4.53
CA GLY B 31 -6.52 12.22 -3.13
C GLY B 31 -6.21 11.02 -2.28
N TYR B 32 -6.27 9.81 -2.80
CA TYR B 32 -6.13 8.66 -1.92
C TYR B 32 -5.29 7.60 -2.61
N TYR B 33 -4.39 7.03 -1.83
CA TYR B 33 -3.59 5.88 -2.24
C TYR B 33 -4.58 4.75 -2.55
N MET B 34 -4.25 3.92 -3.54
CA MET B 34 -4.96 2.66 -3.76
C MET B 34 -3.96 1.54 -3.52
N HIS B 35 -4.30 0.60 -2.63
CA HIS B 35 -3.45 -0.55 -2.34
C HIS B 35 -3.97 -1.76 -3.12
N TRP B 36 -3.13 -2.79 -3.29
CA TRP B 36 -3.63 -4.08 -3.80
C TRP B 36 -3.39 -5.24 -2.84
N VAL B 37 -4.42 -6.08 -2.66
CA VAL B 37 -4.31 -7.20 -1.73
C VAL B 37 -4.98 -8.41 -2.39
N ARG B 38 -4.40 -9.61 -2.24
CA ARG B 38 -4.94 -10.86 -2.79
C ARG B 38 -5.27 -11.90 -1.72
N GLN B 39 -6.04 -12.92 -2.13
CA GLN B 39 -6.53 -13.96 -1.22
C GLN B 39 -6.66 -15.32 -1.91
N ALA B 40 -5.75 -16.22 -1.56
CA ALA B 40 -5.78 -17.60 -2.01
C ALA B 40 -7.01 -18.32 -1.44
N PRO B 41 -7.53 -19.37 -2.12
CA PRO B 41 -8.76 -20.00 -1.61
C PRO B 41 -8.66 -20.42 -0.14
N GLY B 42 -9.59 -19.98 0.72
CA GLY B 42 -9.53 -20.44 2.09
C GLY B 42 -8.38 -19.89 2.91
N GLN B 43 -7.63 -18.93 2.36
CA GLN B 43 -6.42 -18.41 2.97
C GLN B 43 -6.54 -16.97 3.40
N GLY B 44 -5.46 -16.50 4.03
CA GLY B 44 -5.48 -15.15 4.56
C GLY B 44 -5.26 -14.16 3.43
N LEU B 45 -5.07 -12.90 3.83
CA LEU B 45 -4.86 -11.80 2.90
C LEU B 45 -3.37 -11.48 2.77
N GLU B 46 -2.92 -11.14 1.57
CA GLU B 46 -1.50 -10.86 1.36
C GLU B 46 -1.49 -9.54 0.61
N TRP B 47 -0.88 -8.52 1.22
CA TRP B 47 -0.75 -7.18 0.66
C TRP B 47 0.30 -7.24 -0.44
N MET B 48 0.05 -6.50 -1.51
CA MET B 48 0.99 -6.53 -2.63
C MET B 48 1.75 -5.23 -2.86
N GLY B 49 1.15 -4.11 -2.53
CA GLY B 49 1.77 -2.82 -2.74
C GLY B 49 0.77 -1.70 -2.73
N TRP B 50 1.27 -0.47 -2.85
CA TRP B 50 0.36 0.65 -3.00
C TRP B 50 0.89 1.55 -4.11
N ILE B 51 -0.03 2.34 -4.68
CA ILE B 51 0.27 3.42 -5.64
C ILE B 51 -0.33 4.75 -5.20
N ASN B 52 0.44 5.82 -5.39
CA ASN B 52 -0.06 7.20 -5.30
C ASN B 52 -0.59 7.74 -6.62
N PRO B 53 -1.90 7.91 -6.82
CA PRO B 53 -2.37 8.33 -8.16
C PRO B 53 -2.03 9.79 -8.56
N ASN B 54 -1.63 10.65 -7.61
CA ASN B 54 -1.23 12.01 -7.98
C ASN B 54 0.05 12.01 -8.78
N SER B 55 0.99 11.20 -8.38
CA SER B 55 2.32 11.20 -8.94
C SER B 55 2.63 9.95 -9.72
N GLY B 56 2.01 8.82 -9.40
CA GLY B 56 2.40 7.57 -10.01
C GLY B 56 3.40 6.81 -9.18
N GLY B 57 3.82 7.39 -8.06
CA GLY B 57 4.72 6.71 -7.16
C GLY B 57 4.15 5.39 -6.68
N THR B 58 5.06 4.45 -6.44
CA THR B 58 4.64 3.12 -6.05
C THR B 58 5.49 2.64 -4.91
N ASN B 59 4.98 1.58 -4.28
CA ASN B 59 5.75 0.80 -3.35
C ASN B 59 5.38 -0.65 -3.58
N TYR B 60 6.34 -1.55 -3.64
CA TYR B 60 5.89 -2.90 -3.88
C TYR B 60 6.40 -3.76 -2.74
N ALA B 61 5.61 -4.77 -2.40
CA ALA B 61 6.07 -5.75 -1.44
C ALA B 61 7.25 -6.50 -2.03
N GLN B 62 8.26 -6.75 -1.21
CA GLN B 62 9.51 -7.29 -1.70
C GLN B 62 9.25 -8.64 -2.31
N LYS B 63 8.20 -9.30 -1.87
CA LYS B 63 7.99 -10.69 -2.23
C LYS B 63 7.95 -10.78 -3.73
N PHE B 64 7.28 -9.82 -4.36
CA PHE B 64 7.28 -9.78 -5.82
C PHE B 64 7.75 -8.42 -6.31
N GLN B 65 8.90 -8.41 -6.98
CA GLN B 65 9.37 -7.22 -7.64
C GLN B 65 9.75 -7.62 -9.05
N GLY B 66 9.27 -6.89 -10.04
CA GLY B 66 9.53 -7.23 -11.41
C GLY B 66 8.58 -8.29 -11.89
N ARG B 67 7.71 -8.76 -11.00
CA ARG B 67 6.65 -9.66 -11.40
C ARG B 67 5.34 -8.92 -11.35
N VAL B 68 5.37 -7.75 -10.72
CA VAL B 68 4.17 -6.92 -10.57
C VAL B 68 4.41 -5.46 -10.97
N THR B 69 3.46 -4.89 -11.73
CA THR B 69 3.44 -3.48 -12.11
C THR B 69 2.08 -2.83 -11.79
N MET B 70 2.09 -1.71 -11.06
CA MET B 70 0.89 -0.93 -10.76
C MET B 70 0.91 0.39 -11.52
N THR B 71 -0.26 0.79 -12.01
CA THR B 71 -0.39 1.99 -12.81
C THR B 71 -1.69 2.71 -12.49
N ARG B 72 -1.83 3.90 -13.08
CA ARG B 72 -3.05 4.68 -13.02
C ARG B 72 -3.27 5.51 -14.27
N ASP B 73 -4.54 5.81 -14.53
CA ASP B 73 -4.97 6.71 -15.57
C ASP B 73 -5.89 7.74 -14.90
N THR B 74 -5.44 8.98 -14.67
CA THR B 74 -6.26 9.88 -13.87
C THR B 74 -7.54 10.32 -14.59
N SER B 75 -7.51 10.31 -15.91
CA SER B 75 -8.64 10.69 -16.76
C SER B 75 -9.85 9.76 -16.65
N ILE B 76 -9.66 8.49 -16.29
CA ILE B 76 -10.78 7.57 -16.16
C ILE B 76 -10.91 6.97 -14.76
N SER B 77 -10.31 7.61 -13.74
CA SER B 77 -10.44 7.11 -12.37
C SER B 77 -10.21 5.61 -12.27
N THR B 78 -9.18 5.12 -12.96
CA THR B 78 -8.92 3.68 -12.98
C THR B 78 -7.50 3.35 -12.56
N ALA B 79 -7.35 2.44 -11.61
CA ALA B 79 -6.06 1.89 -11.20
C ALA B 79 -5.86 0.51 -11.84
N TYR B 80 -4.61 0.16 -12.16
CA TYR B 80 -4.31 -1.12 -12.79
C TYR B 80 -3.20 -1.85 -12.02
N MET B 81 -3.32 -3.17 -11.93
CA MET B 81 -2.26 -4.01 -11.40
C MET B 81 -1.89 -5.03 -12.44
N GLU B 82 -0.61 -5.08 -12.80
CA GLU B 82 -0.10 -6.11 -13.70
C GLU B 82 0.88 -7.01 -12.98
N LEU B 83 0.60 -8.33 -12.99
CA LEU B 83 1.49 -9.33 -12.39
C LEU B 83 2.02 -10.26 -13.48
N SER B 84 3.34 -10.27 -13.68
CA SER B 84 3.97 -11.03 -14.76
C SER B 84 4.60 -12.31 -14.23
N ARG B 85 4.91 -13.23 -15.16
CA ARG B 85 5.63 -14.45 -14.82
C ARG B 85 4.93 -15.23 -13.70
N LEU B 86 3.64 -15.44 -13.93
CA LEU B 86 2.71 -16.06 -13.01
C LEU B 86 3.08 -17.49 -12.60
N ARG B 87 2.87 -17.78 -11.32
CA ARG B 87 3.03 -19.11 -10.75
C ARG B 87 1.61 -19.61 -10.43
N SER B 88 1.45 -20.93 -10.40
CA SER B 88 0.13 -21.50 -10.11
C SER B 88 -0.44 -21.01 -8.81
N ASP B 89 0.43 -20.75 -7.85
CA ASP B 89 0.03 -20.27 -6.54
C ASP B 89 -0.22 -18.77 -6.53
N ASP B 90 -0.19 -18.13 -7.69
CA ASP B 90 -0.72 -16.78 -7.77
C ASP B 90 -2.21 -16.79 -8.01
N THR B 91 -2.79 -17.97 -8.21
CA THR B 91 -4.23 -18.10 -8.36
C THR B 91 -4.89 -17.62 -7.07
N ALA B 92 -5.77 -16.63 -7.18
CA ALA B 92 -6.33 -15.99 -6.00
C ALA B 92 -7.35 -14.95 -6.46
N VAL B 93 -8.16 -14.47 -5.50
CA VAL B 93 -9.01 -13.30 -5.71
C VAL B 93 -8.23 -12.05 -5.37
N TYR B 94 -8.24 -11.09 -6.29
CA TYR B 94 -7.52 -9.83 -6.14
C TYR B 94 -8.45 -8.66 -5.85
N TYR B 95 -8.14 -7.93 -4.79
CA TYR B 95 -8.90 -6.76 -4.35
C TYR B 95 -8.02 -5.52 -4.43
N CYS B 96 -8.60 -4.41 -4.86
CA CYS B 96 -8.05 -3.08 -4.59
C CYS B 96 -8.72 -2.47 -3.35
N ALA B 97 -7.96 -1.66 -2.58
CA ALA B 97 -8.54 -1.04 -1.38
C ALA B 97 -7.98 0.36 -1.05
N ARG B 98 -8.90 1.31 -0.83
CA ARG B 98 -8.57 2.69 -0.49
C ARG B 98 -8.42 2.92 1.03
N GLY B 99 -7.36 3.63 1.41
CA GLY B 99 -7.24 4.15 2.75
C GLY B 99 -8.40 5.04 3.13
N LYS B 100 -8.69 5.09 4.44
CA LYS B 100 -9.77 5.92 4.91
C LYS B 100 -9.44 7.38 4.58
N TYR B 101 -8.22 7.82 4.92
CA TYR B 101 -7.85 9.23 4.87
C TYR B 101 -7.14 9.60 3.57
N CYS B 102 -7.44 10.81 3.07
CA CYS B 102 -6.71 11.50 1.99
C CYS B 102 -5.21 11.60 2.26
N THR B 103 -4.38 11.41 1.22
CA THR B 103 -2.95 11.63 1.40
C THR B 103 -2.69 12.96 2.10
N ALA B 104 -3.45 14.01 1.76
CA ALA B 104 -3.16 15.30 2.38
C ALA B 104 -3.32 15.27 3.90
N ARG B 105 -4.11 14.34 4.44
CA ARG B 105 -4.30 14.29 5.90
C ARG B 105 -3.07 13.73 6.59
N ASP B 106 -2.22 13.06 5.84
CA ASP B 106 -1.02 12.40 6.31
C ASP B 106 -1.18 11.54 7.57
N TYR B 107 -2.37 11.07 7.90
CA TYR B 107 -2.57 10.27 9.10
C TYR B 107 -2.22 8.82 8.76
N TYR B 108 -2.70 7.87 9.56
CA TYR B 108 -2.41 6.46 9.37
C TYR B 108 -3.30 6.03 8.22
N ASN B 109 -2.68 5.69 7.08
CA ASN B 109 -3.41 5.53 5.84
C ASN B 109 -3.87 4.10 5.61
N TRP B 110 -3.56 3.17 6.51
CA TRP B 110 -3.77 1.76 6.18
C TRP B 110 -5.06 1.24 6.80
N ASP B 111 -6.08 2.08 6.97
CA ASP B 111 -7.39 1.60 7.35
C ASP B 111 -8.21 1.46 6.07
N PHE B 112 -8.47 0.20 5.64
CA PHE B 112 -9.11 0.00 4.33
C PHE B 112 -10.62 0.03 4.42
N GLN B 113 -11.16 1.20 4.22
CA GLN B 113 -12.56 1.50 4.46
C GLN B 113 -13.34 1.08 3.23
N HIS B 114 -12.71 1.16 2.04
CA HIS B 114 -13.38 0.83 0.81
C HIS B 114 -12.63 -0.25 0.05
N TRP B 115 -13.34 -1.30 -0.35
CA TRP B 115 -12.83 -2.43 -1.11
C TRP B 115 -13.58 -2.62 -2.42
N GLY B 116 -12.84 -3.01 -3.46
CA GLY B 116 -13.42 -3.52 -4.67
C GLY B 116 -14.08 -4.88 -4.46
N GLN B 117 -14.78 -5.35 -5.50
CA GLN B 117 -15.47 -6.63 -5.39
C GLN B 117 -14.55 -7.82 -5.53
N GLY B 118 -13.32 -7.59 -5.95
CA GLY B 118 -12.43 -8.72 -6.09
C GLY B 118 -12.40 -9.25 -7.51
N THR B 119 -11.25 -9.80 -7.90
CA THR B 119 -11.11 -10.42 -9.20
C THR B 119 -10.48 -11.79 -8.97
N LEU B 120 -11.24 -12.82 -9.37
CA LEU B 120 -10.86 -14.23 -9.32
C LEU B 120 -9.93 -14.57 -10.48
N VAL B 121 -8.80 -15.20 -10.18
CA VAL B 121 -7.91 -15.60 -11.24
C VAL B 121 -7.75 -17.12 -11.22
N THR B 122 -7.04 -17.65 -12.22
CA THR B 122 -6.74 -19.08 -12.25
C THR B 122 -5.51 -19.26 -13.13
N VAL B 123 -4.40 -19.69 -12.53
CA VAL B 123 -3.17 -19.91 -13.27
C VAL B 123 -3.19 -21.40 -13.47
N SER B 124 -3.36 -21.84 -14.70
CA SER B 124 -3.51 -23.26 -14.86
C SER B 124 -3.08 -23.71 -16.24
N SER B 125 -2.59 -24.95 -16.29
CA SER B 125 -2.34 -25.54 -17.59
C SER B 125 -3.64 -26.08 -18.16
N ALA B 126 -4.68 -26.20 -17.33
CA ALA B 126 -5.95 -26.75 -17.75
C ALA B 126 -6.62 -25.83 -18.76
N SER B 127 -7.60 -26.38 -19.47
CA SER B 127 -8.42 -25.64 -20.41
C SER B 127 -9.89 -25.84 -20.04
N THR B 128 -10.72 -24.86 -20.41
CA THR B 128 -12.16 -24.94 -20.18
C THR B 128 -12.64 -26.35 -20.49
N LYS B 129 -13.43 -26.92 -19.58
CA LYS B 129 -13.94 -28.28 -19.74
C LYS B 129 -15.26 -28.43 -18.98
N GLY B 130 -16.27 -28.96 -19.67
CA GLY B 130 -17.54 -29.22 -19.05
C GLY B 130 -17.46 -30.38 -18.08
N PRO B 131 -18.32 -30.40 -17.07
CA PRO B 131 -18.30 -31.51 -16.11
C PRO B 131 -19.02 -32.74 -16.60
N SER B 132 -18.57 -33.87 -16.10
CA SER B 132 -19.34 -35.11 -16.18
C SER B 132 -20.17 -35.16 -14.91
N VAL B 133 -21.41 -35.64 -15.02
CA VAL B 133 -22.32 -35.70 -13.88
C VAL B 133 -22.73 -37.15 -13.66
N PHE B 134 -22.33 -37.69 -12.51
CA PHE B 134 -22.63 -39.06 -12.20
C PHE B 134 -23.60 -39.13 -11.02
N PRO B 135 -24.50 -40.11 -11.00
CA PRO B 135 -25.43 -40.22 -9.89
C PRO B 135 -24.76 -40.73 -8.62
N LEU B 136 -25.23 -40.19 -7.49
CA LEU B 136 -24.93 -40.75 -6.17
C LEU B 136 -26.22 -41.46 -5.76
N ALA B 137 -26.24 -42.78 -5.95
CA ALA B 137 -27.49 -43.54 -5.90
C ALA B 137 -28.01 -43.68 -4.48
N GLY B 151 -27.48 -37.91 -4.44
CA GLY B 151 -26.78 -36.74 -4.92
C GLY B 151 -26.26 -36.91 -6.32
N CYS B 152 -25.45 -35.94 -6.74
CA CYS B 152 -24.78 -35.94 -8.02
C CYS B 152 -23.31 -35.60 -7.82
N LEU B 153 -22.43 -36.32 -8.50
CA LEU B 153 -21.00 -36.03 -8.48
C LEU B 153 -20.65 -35.28 -9.75
N VAL B 154 -20.21 -34.04 -9.58
CA VAL B 154 -19.96 -33.13 -10.71
C VAL B 154 -18.44 -33.09 -10.88
N LYS B 155 -17.92 -33.93 -11.76
CA LYS B 155 -16.50 -34.22 -11.79
C LYS B 155 -15.84 -33.66 -13.05
N ASP B 156 -14.55 -33.35 -12.91
CA ASP B 156 -13.66 -33.01 -14.03
C ASP B 156 -14.14 -31.81 -14.87
N TYR B 157 -14.37 -30.67 -14.22
CA TYR B 157 -14.69 -29.44 -14.91
C TYR B 157 -13.64 -28.38 -14.64
N PHE B 158 -13.62 -27.35 -15.50
CA PHE B 158 -12.71 -26.22 -15.32
C PHE B 158 -13.14 -25.05 -16.22
N PRO B 159 -13.05 -23.80 -15.71
CA PRO B 159 -12.64 -23.43 -14.34
C PRO B 159 -13.85 -23.41 -13.41
N GLU B 160 -13.69 -22.83 -12.23
CA GLU B 160 -14.84 -22.51 -11.41
C GLU B 160 -15.70 -21.53 -12.24
N PRO B 161 -16.98 -21.31 -11.88
CA PRO B 161 -17.73 -22.17 -10.94
C PRO B 161 -18.76 -23.02 -11.63
N VAL B 162 -19.54 -23.73 -10.81
CA VAL B 162 -20.67 -24.51 -11.26
C VAL B 162 -21.84 -24.23 -10.32
N THR B 163 -23.05 -24.35 -10.83
CA THR B 163 -24.24 -24.27 -10.01
C THR B 163 -25.04 -25.56 -10.12
N VAL B 164 -25.67 -25.93 -9.01
CA VAL B 164 -26.50 -27.13 -8.95
C VAL B 164 -27.82 -26.78 -8.29
N SER B 165 -28.92 -27.23 -8.88
CA SER B 165 -30.24 -27.17 -8.27
C SER B 165 -30.82 -28.57 -8.29
N TRP B 166 -31.88 -28.77 -7.53
CA TRP B 166 -32.60 -30.04 -7.53
C TRP B 166 -34.04 -29.82 -7.93
N ASN B 167 -34.52 -30.62 -8.88
CA ASN B 167 -35.88 -30.51 -9.40
C ASN B 167 -36.19 -29.08 -9.85
N SER B 168 -35.22 -28.47 -10.54
CA SER B 168 -35.40 -27.13 -11.10
C SER B 168 -35.71 -26.09 -10.04
N GLY B 169 -35.23 -26.31 -8.82
CA GLY B 169 -35.37 -25.34 -7.75
C GLY B 169 -36.49 -25.66 -6.78
N ALA B 170 -37.26 -26.71 -7.05
CA ALA B 170 -38.40 -27.09 -6.22
C ALA B 170 -37.97 -27.84 -4.96
N LEU B 171 -36.79 -28.44 -4.96
CA LEU B 171 -36.26 -29.19 -3.83
C LEU B 171 -35.06 -28.46 -3.22
N THR B 172 -35.30 -27.74 -2.14
CA THR B 172 -34.27 -26.92 -1.51
C THR B 172 -33.92 -27.35 -0.09
N HIS B 176 -27.21 -30.13 0.29
CA HIS B 176 -25.86 -29.63 0.53
C HIS B 176 -25.04 -29.74 -0.74
N THR B 177 -24.64 -28.58 -1.29
CA THR B 177 -23.72 -28.51 -2.42
C THR B 177 -22.36 -28.16 -1.85
N PHE B 178 -21.41 -29.08 -1.95
CA PHE B 178 -20.12 -28.91 -1.29
C PHE B 178 -19.16 -28.03 -2.09
N PRO B 179 -18.21 -27.38 -1.40
CA PRO B 179 -17.11 -26.71 -2.09
C PRO B 179 -16.35 -27.69 -2.97
N ALA B 180 -15.96 -27.24 -4.16
CA ALA B 180 -15.18 -28.11 -5.03
C ALA B 180 -13.80 -28.31 -4.44
N VAL B 181 -13.18 -29.44 -4.80
CA VAL B 181 -11.78 -29.69 -4.53
C VAL B 181 -11.04 -29.66 -5.86
N LEU B 182 -9.79 -29.21 -5.80
CA LEU B 182 -8.93 -29.21 -6.97
C LEU B 182 -8.18 -30.54 -7.03
N GLN B 183 -8.43 -31.32 -8.08
CA GLN B 183 -7.74 -32.59 -8.22
C GLN B 183 -6.33 -32.37 -8.78
N SER B 184 -5.48 -33.37 -8.58
CA SER B 184 -4.10 -33.29 -9.09
C SER B 184 -4.10 -33.11 -10.60
N SER B 185 -5.16 -33.57 -11.26
CA SER B 185 -5.29 -33.42 -12.70
C SER B 185 -5.43 -31.97 -13.10
N GLY B 186 -5.75 -31.10 -12.14
CA GLY B 186 -5.97 -29.69 -12.41
C GLY B 186 -7.43 -29.37 -12.66
N LEU B 187 -8.30 -30.38 -12.62
CA LEU B 187 -9.72 -30.22 -12.81
C LEU B 187 -10.43 -30.25 -11.46
N TYR B 188 -11.56 -29.55 -11.38
CA TYR B 188 -12.34 -29.51 -10.16
C TYR B 188 -13.34 -30.65 -10.11
N SER B 189 -13.72 -31.02 -8.89
CA SER B 189 -14.78 -31.98 -8.65
C SER B 189 -15.54 -31.56 -7.39
N LEU B 190 -16.86 -31.64 -7.44
CA LEU B 190 -17.68 -31.42 -6.25
C LEU B 190 -18.89 -32.34 -6.27
N SER B 191 -19.51 -32.46 -5.10
CA SER B 191 -20.72 -33.26 -4.91
C SER B 191 -21.85 -32.37 -4.42
N SER B 192 -23.08 -32.70 -4.82
CA SER B 192 -24.28 -32.09 -4.28
C SER B 192 -25.20 -33.21 -3.82
N VAL B 193 -25.67 -33.12 -2.59
CA VAL B 193 -26.46 -34.20 -1.99
C VAL B 193 -27.74 -33.62 -1.43
N THR B 205 -39.55 -38.52 -8.14
CA THR B 205 -38.38 -38.39 -8.99
C THR B 205 -37.47 -37.28 -8.47
N TYR B 206 -36.16 -37.53 -8.51
CA TYR B 206 -35.15 -36.56 -8.09
C TYR B 206 -34.16 -36.33 -9.23
N ILE B 207 -34.01 -35.07 -9.64
CA ILE B 207 -33.15 -34.69 -10.75
C ILE B 207 -32.27 -33.53 -10.31
N CYS B 208 -30.98 -33.61 -10.58
CA CYS B 208 -30.05 -32.53 -10.29
C CYS B 208 -29.78 -31.75 -11.57
N ASN B 209 -29.95 -30.43 -11.50
CA ASN B 209 -29.75 -29.54 -12.64
C ASN B 209 -28.38 -28.88 -12.49
N VAL B 210 -27.46 -29.23 -13.39
CA VAL B 210 -26.08 -28.78 -13.33
C VAL B 210 -25.81 -27.82 -14.47
N ASN B 211 -25.22 -26.66 -14.14
CA ASN B 211 -24.91 -25.63 -15.13
C ASN B 211 -23.46 -25.20 -15.00
N HIS B 212 -22.71 -25.31 -16.10
CA HIS B 212 -21.33 -24.81 -16.15
C HIS B 212 -21.25 -23.75 -17.26
N LYS B 213 -21.38 -22.48 -16.85
CA LYS B 213 -21.44 -21.40 -17.83
C LYS B 213 -20.19 -21.35 -18.71
N PRO B 214 -18.97 -21.45 -18.17
CA PRO B 214 -17.77 -21.32 -19.02
C PRO B 214 -17.80 -22.23 -20.23
N SER B 215 -18.37 -23.43 -20.11
CA SER B 215 -18.40 -24.39 -21.20
C SER B 215 -19.80 -24.47 -21.80
N ASN B 216 -20.71 -23.59 -21.38
CA ASN B 216 -22.09 -23.61 -21.86
C ASN B 216 -22.68 -25.01 -21.72
N THR B 217 -22.29 -25.71 -20.66
CA THR B 217 -22.82 -27.04 -20.37
C THR B 217 -24.00 -26.92 -19.43
N LYS B 218 -25.06 -27.67 -19.72
CA LYS B 218 -26.23 -27.73 -18.86
C LYS B 218 -26.74 -29.17 -18.84
N VAL B 219 -26.61 -29.84 -17.70
CA VAL B 219 -26.99 -31.24 -17.57
C VAL B 219 -28.11 -31.39 -16.55
N GLU C 1 9.01 -7.76 8.41
CA GLU C 1 9.33 -6.61 9.32
C GLU C 1 8.49 -6.60 10.62
N ILE C 2 7.34 -7.28 10.59
CA ILE C 2 6.40 -7.34 11.71
C ILE C 2 5.55 -8.56 11.45
N VAL C 3 5.12 -9.25 12.52
CA VAL C 3 4.21 -10.37 12.27
C VAL C 3 3.03 -10.17 13.21
N LEU C 4 1.83 -10.46 12.70
CA LEU C 4 0.59 -10.51 13.48
C LEU C 4 0.03 -11.88 13.84
N THR C 5 -0.10 -12.16 15.13
CA THR C 5 -0.68 -13.44 15.54
C THR C 5 -2.02 -13.21 16.25
N GLN C 6 -3.12 -13.68 15.67
CA GLN C 6 -4.42 -13.60 16.32
C GLN C 6 -4.69 -14.95 16.97
N SER C 7 -5.40 -14.93 18.10
CA SER C 7 -5.82 -16.18 18.76
C SER C 7 -7.20 -15.94 19.40
N PRO C 8 -8.03 -17.01 19.48
CA PRO C 8 -7.75 -18.34 18.95
C PRO C 8 -7.89 -18.45 17.46
N ALA C 9 -7.48 -19.60 16.95
CA ALA C 9 -7.66 -19.89 15.53
C ALA C 9 -9.15 -19.94 15.20
N THR C 10 -9.93 -20.64 16.05
CA THR C 10 -11.39 -20.72 15.92
C THR C 10 -12.15 -20.31 17.18
N LEU C 11 -13.17 -19.46 17.02
CA LEU C 11 -14.05 -19.08 18.13
C LEU C 11 -15.50 -19.57 17.89
N SER C 12 -16.00 -20.40 18.82
CA SER C 12 -17.35 -20.99 18.81
C SER C 12 -18.21 -20.47 19.97
N LEU C 13 -19.28 -19.74 19.69
CA LEU C 13 -20.11 -19.16 20.76
C LEU C 13 -21.59 -19.31 20.40
N SER C 14 -22.45 -18.56 21.09
CA SER C 14 -23.89 -18.51 20.85
C SER C 14 -24.36 -17.06 20.85
N PRO C 15 -25.44 -16.73 20.13
CA PRO C 15 -26.01 -15.38 20.23
C PRO C 15 -26.24 -14.94 21.66
N GLY C 16 -26.00 -13.65 21.93
CA GLY C 16 -26.18 -13.14 23.27
C GLY C 16 -24.94 -13.19 24.14
N GLU C 17 -23.95 -13.98 23.75
CA GLU C 17 -22.71 -14.14 24.47
C GLU C 17 -21.77 -12.98 24.16
N ARG C 18 -20.78 -12.83 25.02
CA ARG C 18 -19.76 -11.82 24.84
C ARG C 18 -18.64 -12.40 23.97
N ALA C 19 -18.17 -11.62 22.99
CA ALA C 19 -17.08 -12.06 22.13
C ALA C 19 -15.83 -11.26 22.42
N THR C 20 -14.71 -11.97 22.57
CA THR C 20 -13.41 -11.34 22.69
C THR C 20 -12.38 -11.93 21.73
N LEU C 21 -11.83 -11.10 20.83
CA LEU C 21 -10.78 -11.58 19.93
C LEU C 21 -9.47 -10.86 20.22
N SER C 22 -8.38 -11.61 20.16
CA SER C 22 -7.04 -11.12 20.46
C SER C 22 -6.21 -11.13 19.18
N CYS C 23 -5.33 -10.14 19.09
CA CYS C 23 -4.35 -10.01 18.02
C CYS C 23 -3.06 -9.63 18.70
N ARG C 24 -2.02 -10.44 18.55
CA ARG C 24 -0.78 -10.09 19.22
C ARG C 24 0.23 -9.80 18.13
N ALA C 25 0.78 -8.59 18.21
CA ALA C 25 1.82 -8.09 17.36
C ALA C 25 3.17 -8.57 17.87
N SER C 26 4.02 -9.00 16.96
CA SER C 26 5.30 -9.57 17.35
C SER C 26 6.38 -8.48 17.27
N GLN C 27 6.84 -8.00 18.44
CA GLN C 27 7.92 -7.03 18.52
C GLN C 27 7.51 -5.62 18.09
N SER C 28 6.27 -5.48 17.61
CA SER C 28 5.73 -4.19 17.18
C SER C 28 5.67 -3.12 18.25
N VAL C 29 5.88 -1.88 17.79
CA VAL C 29 5.73 -0.69 18.61
C VAL C 29 4.57 0.19 18.18
N SER C 30 3.87 -0.13 17.07
CA SER C 30 2.82 0.80 16.72
C SER C 30 1.61 0.64 17.64
N SER C 31 0.81 1.72 17.76
CA SER C 31 -0.50 1.73 18.41
C SER C 31 -1.73 1.74 17.48
N TYR C 32 -1.55 1.74 16.15
CA TYR C 32 -2.61 1.59 15.15
C TYR C 32 -3.02 0.17 14.79
N LEU C 33 -4.31 -0.17 14.87
CA LEU C 33 -4.70 -1.48 14.39
C LEU C 33 -6.11 -1.40 13.81
N ALA C 34 -6.35 -2.04 12.66
CA ALA C 34 -7.68 -2.09 12.09
C ALA C 34 -8.17 -3.53 12.21
N TRP C 35 -9.49 -3.68 12.30
CA TRP C 35 -10.13 -4.98 12.29
C TRP C 35 -11.09 -5.14 11.11
N TYR C 36 -11.08 -6.33 10.52
CA TYR C 36 -11.94 -6.65 9.40
C TYR C 36 -12.74 -7.92 9.65
N GLN C 37 -13.97 -7.94 9.13
CA GLN C 37 -14.85 -9.10 9.09
C GLN C 37 -15.01 -9.49 7.64
N GLN C 38 -15.01 -10.79 7.34
CA GLN C 38 -15.24 -11.24 5.96
C GLN C 38 -16.22 -12.39 5.87
N LYS C 39 -17.22 -12.22 5.04
CA LYS C 39 -18.04 -13.38 4.81
C LYS C 39 -17.62 -14.02 3.50
N PRO C 40 -17.89 -15.30 3.33
CA PRO C 40 -17.43 -16.03 2.14
C PRO C 40 -17.86 -15.43 0.80
N GLY C 41 -16.89 -15.31 -0.12
CA GLY C 41 -17.24 -14.84 -1.44
C GLY C 41 -17.66 -13.41 -1.40
N GLN C 42 -17.28 -12.71 -0.35
CA GLN C 42 -17.56 -11.30 -0.19
C GLN C 42 -16.26 -10.57 0.12
N ALA C 43 -16.23 -9.29 -0.21
CA ALA C 43 -15.13 -8.45 0.20
C ALA C 43 -15.06 -8.28 1.72
N PRO C 44 -13.85 -8.09 2.27
CA PRO C 44 -13.73 -7.78 3.70
C PRO C 44 -14.46 -6.49 4.04
N ARG C 45 -14.86 -6.33 5.30
CA ARG C 45 -15.54 -5.11 5.65
C ARG C 45 -14.79 -4.57 6.87
N LEU C 46 -14.37 -3.30 6.80
CA LEU C 46 -13.69 -2.65 7.92
C LEU C 46 -14.63 -2.42 9.09
N LEU C 47 -14.32 -3.05 10.22
CA LEU C 47 -15.18 -2.93 11.40
C LEU C 47 -14.67 -1.81 12.29
N ILE C 48 -13.38 -1.83 12.61
CA ILE C 48 -12.77 -0.87 13.52
C ILE C 48 -11.53 -0.27 12.86
N TYR C 49 -11.37 1.04 13.00
CA TYR C 49 -10.19 1.72 12.50
C TYR C 49 -9.50 2.39 13.68
N ASP C 50 -8.18 2.49 13.51
CA ASP C 50 -7.27 3.08 14.47
C ASP C 50 -7.53 2.44 15.84
N ALA C 51 -7.60 1.10 15.84
CA ALA C 51 -7.67 0.33 17.08
C ALA C 51 -9.00 0.44 17.82
N SER C 52 -9.46 1.67 18.11
CA SER C 52 -10.53 1.83 19.10
C SER C 52 -11.72 2.65 18.58
N ASN C 53 -11.73 2.98 17.29
CA ASN C 53 -12.84 3.73 16.69
C ASN C 53 -13.68 2.79 15.87
N ARG C 54 -15.00 2.88 16.05
CA ARG C 54 -15.96 2.11 15.28
C ARG C 54 -16.10 2.71 13.90
N ALA C 55 -16.08 1.86 12.87
CA ALA C 55 -16.29 2.42 11.57
C ALA C 55 -17.73 2.88 11.40
N THR C 56 -17.92 3.79 10.45
CA THR C 56 -19.25 4.30 10.17
C THR C 56 -20.09 3.12 9.67
N GLY C 57 -21.35 3.07 10.08
CA GLY C 57 -22.26 2.00 9.70
C GLY C 57 -22.10 0.71 10.49
N ILE C 58 -21.19 0.71 11.46
CA ILE C 58 -20.94 -0.42 12.34
C ILE C 58 -21.69 -0.30 13.66
N PRO C 59 -22.46 -1.32 14.06
CA PRO C 59 -23.26 -1.23 15.29
C PRO C 59 -22.46 -1.14 16.59
N ALA C 60 -23.13 -0.56 17.60
CA ALA C 60 -22.51 -0.21 18.88
C ALA C 60 -21.99 -1.41 19.67
N ARG C 61 -22.42 -2.62 19.31
CA ARG C 61 -21.99 -3.86 19.99
C ARG C 61 -20.52 -4.23 19.76
N PHE C 62 -19.86 -3.59 18.79
CA PHE C 62 -18.44 -3.76 18.46
C PHE C 62 -17.60 -2.76 19.24
N SER C 63 -16.52 -3.26 19.84
CA SER C 63 -15.55 -2.42 20.54
C SER C 63 -14.15 -2.92 20.28
N GLY C 64 -13.19 -1.99 20.32
CA GLY C 64 -11.78 -2.31 20.17
C GLY C 64 -11.03 -1.83 21.40
N SER C 65 -9.97 -2.55 21.73
CA SER C 65 -9.15 -2.12 22.86
C SER C 65 -7.74 -2.61 22.61
N GLY C 66 -6.83 -2.09 23.41
CA GLY C 66 -5.44 -2.50 23.36
C GLY C 66 -4.57 -1.39 22.83
N SER C 67 -3.29 -1.57 23.03
CA SER C 67 -2.26 -0.68 22.53
C SER C 67 -1.00 -1.54 22.47
N GLY C 68 0.10 -0.99 21.98
CA GLY C 68 1.26 -1.84 22.09
C GLY C 68 1.30 -3.14 21.31
N THR C 69 1.33 -4.26 22.04
CA THR C 69 1.45 -5.59 21.43
C THR C 69 0.20 -6.47 21.42
N ASP C 70 -0.72 -6.29 22.35
CA ASP C 70 -1.94 -7.09 22.48
C ASP C 70 -3.18 -6.21 22.34
N PHE C 71 -4.04 -6.56 21.38
CA PHE C 71 -5.23 -5.78 21.05
C PHE C 71 -6.45 -6.68 21.09
N THR C 72 -7.61 -6.06 21.32
CA THR C 72 -8.85 -6.80 21.49
C THR C 72 -10.03 -6.19 20.73
N LEU C 73 -10.83 -7.08 20.13
CA LEU C 73 -12.11 -6.77 19.52
C LEU C 73 -13.22 -7.40 20.35
N THR C 74 -14.17 -6.59 20.81
CA THR C 74 -15.28 -7.08 21.62
C THR C 74 -16.65 -6.88 20.98
N ILE C 75 -17.46 -7.94 20.92
CA ILE C 75 -18.86 -7.86 20.51
C ILE C 75 -19.76 -8.23 21.69
N SER C 76 -20.55 -7.27 22.17
CA SER C 76 -21.23 -7.41 23.46
C SER C 76 -22.21 -8.57 23.42
N SER C 77 -22.87 -8.77 22.28
CA SER C 77 -23.87 -9.82 22.17
C SER C 77 -23.94 -10.31 20.74
N LEU C 78 -23.54 -11.57 20.54
CA LEU C 78 -23.41 -12.05 19.17
C LEU C 78 -24.80 -12.05 18.57
N GLU C 79 -24.91 -11.54 17.37
CA GLU C 79 -26.09 -11.66 16.54
C GLU C 79 -25.87 -12.60 15.37
N PRO C 80 -26.95 -13.08 14.75
CA PRO C 80 -26.77 -14.07 13.68
C PRO C 80 -25.83 -13.60 12.58
N GLU C 81 -25.90 -12.31 12.24
CA GLU C 81 -25.10 -11.74 11.16
C GLU C 81 -23.66 -11.48 11.55
N ASP C 82 -23.25 -11.78 12.79
CA ASP C 82 -21.92 -11.41 13.26
C ASP C 82 -20.88 -12.53 13.16
N PHE C 83 -21.29 -13.74 12.85
CA PHE C 83 -20.39 -14.88 12.72
C PHE C 83 -19.71 -14.91 11.34
N ALA C 84 -18.38 -14.87 11.33
CA ALA C 84 -17.60 -14.60 10.13
C ALA C 84 -16.12 -14.79 10.50
N VAL C 85 -15.24 -14.53 9.54
CA VAL C 85 -13.80 -14.55 9.77
C VAL C 85 -13.33 -13.13 10.07
N TYR C 86 -12.41 -13.03 11.03
CA TYR C 86 -11.88 -11.76 11.51
C TYR C 86 -10.37 -11.64 11.38
N TYR C 87 -9.94 -10.50 10.82
CA TYR C 87 -8.54 -10.15 10.61
C TYR C 87 -8.16 -8.85 11.30
N CYS C 88 -6.96 -8.85 11.83
CA CYS C 88 -6.29 -7.64 12.26
C CYS C 88 -5.29 -7.26 11.18
N GLN C 89 -4.87 -6.01 11.22
CA GLN C 89 -3.99 -5.47 10.20
C GLN C 89 -3.28 -4.31 10.86
N GLN C 90 -2.01 -4.23 10.56
CA GLN C 90 -1.22 -3.07 10.92
C GLN C 90 -0.25 -2.81 9.81
N TYR C 91 -0.22 -1.58 9.39
CA TYR C 91 0.48 -1.17 8.20
C TYR C 91 0.09 -2.16 7.10
N GLU C 92 1.05 -2.70 6.35
CA GLU C 92 0.86 -3.59 5.23
C GLU C 92 0.60 -5.02 5.69
N PHE C 93 0.65 -5.27 7.00
CA PHE C 93 0.69 -6.60 7.60
C PHE C 93 -0.69 -7.05 8.07
N PHE C 94 -1.04 -8.28 7.70
CA PHE C 94 -2.25 -8.97 8.13
C PHE C 94 -1.99 -10.17 9.04
N GLY C 95 -2.88 -10.35 10.03
CA GLY C 95 -2.97 -11.56 10.83
C GLY C 95 -3.49 -12.76 10.05
N GLN C 96 -3.39 -13.97 10.64
CA GLN C 96 -3.78 -15.18 9.90
C GLN C 96 -5.28 -15.46 9.87
N GLY C 97 -6.09 -14.71 10.62
CA GLY C 97 -7.54 -14.86 10.64
C GLY C 97 -8.05 -15.68 11.82
N THR C 98 -9.21 -15.29 12.35
CA THR C 98 -9.99 -16.06 13.31
C THR C 98 -11.36 -16.42 12.76
N LYS C 99 -11.73 -17.70 12.77
CA LYS C 99 -13.08 -18.11 12.38
C LYS C 99 -14.06 -18.10 13.56
N LEU C 100 -15.08 -17.24 13.48
CA LEU C 100 -16.14 -17.16 14.50
C LEU C 100 -17.41 -17.90 14.05
N GLU C 101 -17.70 -18.97 14.80
CA GLU C 101 -18.65 -20.03 14.47
C GLU C 101 -19.84 -20.09 15.43
N ILE C 102 -20.95 -20.69 14.99
CA ILE C 102 -22.10 -20.93 15.85
C ILE C 102 -21.75 -22.24 16.54
N LYS C 103 -21.73 -22.27 17.88
CA LYS C 103 -21.54 -23.51 18.65
C LYS C 103 -22.83 -24.26 18.93
N ARG C 104 -22.85 -25.56 18.67
CA ARG C 104 -24.05 -26.34 18.95
C ARG C 104 -23.74 -27.70 19.56
N ALA C 107 -23.57 -33.66 17.03
CA ALA C 107 -24.43 -34.29 16.02
C ALA C 107 -23.57 -35.30 15.28
N ALA C 108 -23.93 -36.58 15.37
CA ALA C 108 -23.23 -37.58 14.60
C ALA C 108 -23.54 -37.41 13.11
N PRO C 109 -22.59 -37.72 12.24
CA PRO C 109 -22.89 -37.68 10.80
C PRO C 109 -23.79 -38.84 10.40
N SER C 110 -24.66 -38.57 9.43
CA SER C 110 -25.29 -39.65 8.68
C SER C 110 -24.35 -39.95 7.52
N VAL C 111 -23.98 -41.21 7.36
CA VAL C 111 -22.95 -41.60 6.40
C VAL C 111 -23.56 -42.40 5.26
N PHE C 112 -23.15 -42.06 4.05
CA PHE C 112 -23.64 -42.73 2.84
C PHE C 112 -22.44 -42.98 1.94
N ILE C 113 -22.46 -44.10 1.23
CA ILE C 113 -21.43 -44.44 0.28
C ILE C 113 -22.09 -44.63 -1.07
N PHE C 114 -21.45 -44.13 -2.12
CA PHE C 114 -21.97 -44.28 -3.46
C PHE C 114 -20.98 -44.98 -4.38
N PRO C 115 -21.38 -46.07 -5.04
CA PRO C 115 -20.52 -46.67 -6.05
C PRO C 115 -20.39 -45.76 -7.27
N PRO C 116 -19.36 -45.97 -8.09
CA PRO C 116 -19.31 -45.31 -9.40
C PRO C 116 -20.48 -45.73 -10.28
N GLY C 124 -13.20 -45.28 -18.14
CA GLY C 124 -11.89 -45.68 -17.67
C GLY C 124 -11.60 -45.34 -16.23
N THR C 125 -12.45 -44.52 -15.62
CA THR C 125 -12.26 -44.06 -14.26
C THR C 125 -13.45 -44.43 -13.37
N ALA C 126 -13.16 -44.68 -12.12
CA ALA C 126 -14.17 -44.97 -11.11
C ALA C 126 -13.99 -44.00 -9.96
N SER C 127 -15.06 -43.30 -9.60
CA SER C 127 -15.07 -42.43 -8.44
C SER C 127 -16.03 -43.02 -7.43
N VAL C 128 -15.54 -43.25 -6.22
CA VAL C 128 -16.35 -43.69 -5.11
C VAL C 128 -16.47 -42.53 -4.13
N VAL C 129 -17.70 -42.24 -3.72
CA VAL C 129 -17.98 -41.04 -2.94
C VAL C 129 -18.52 -41.47 -1.58
N CYS C 130 -18.00 -40.85 -0.52
CA CYS C 130 -18.50 -41.05 0.83
C CYS C 130 -19.04 -39.72 1.33
N LEU C 131 -20.29 -39.73 1.80
CA LEU C 131 -20.93 -38.53 2.31
C LEU C 131 -21.11 -38.60 3.82
N LEU C 132 -20.66 -37.56 4.51
CA LEU C 132 -20.93 -37.38 5.93
C LEU C 132 -21.84 -36.17 6.04
N ASN C 133 -23.08 -36.37 6.51
CA ASN C 133 -24.10 -35.35 6.43
C ASN C 133 -24.40 -34.76 7.81
N ASN C 134 -24.34 -33.43 7.92
CA ASN C 134 -24.84 -32.66 9.06
C ASN C 134 -24.26 -33.05 10.42
N PHE C 135 -22.94 -32.98 10.56
CA PHE C 135 -22.34 -33.38 11.83
C PHE C 135 -21.71 -32.18 12.53
N TYR C 136 -21.45 -32.34 13.83
CA TYR C 136 -20.77 -31.31 14.62
C TYR C 136 -20.19 -32.05 15.83
N PRO C 137 -18.95 -31.76 16.23
CA PRO C 137 -18.08 -30.71 15.70
C PRO C 137 -17.40 -31.05 14.39
N ARG C 138 -16.53 -30.15 13.93
CA ARG C 138 -15.96 -30.24 12.59
C ARG C 138 -15.01 -31.41 12.47
N GLU C 139 -14.36 -31.80 13.57
CA GLU C 139 -13.35 -32.83 13.47
C GLU C 139 -13.99 -34.16 13.14
N ALA C 140 -13.46 -34.79 12.09
CA ALA C 140 -13.96 -36.06 11.62
C ALA C 140 -12.87 -36.69 10.78
N LYS C 141 -12.90 -38.01 10.79
CA LYS C 141 -11.97 -38.85 10.07
C LYS C 141 -12.72 -39.76 9.14
N VAL C 142 -12.24 -39.80 7.89
CA VAL C 142 -12.74 -40.70 6.89
C VAL C 142 -11.56 -41.61 6.62
N GLN C 143 -11.81 -42.90 6.63
CA GLN C 143 -10.82 -43.86 6.19
C GLN C 143 -11.44 -44.68 5.07
N TRP C 144 -10.77 -44.75 3.94
CA TRP C 144 -11.23 -45.64 2.89
C TRP C 144 -10.56 -46.99 3.10
N LYS C 145 -11.33 -48.03 2.83
CA LYS C 145 -10.81 -49.39 2.86
C LYS C 145 -11.26 -50.06 1.58
N VAL C 146 -10.33 -50.80 0.99
CA VAL C 146 -10.60 -51.57 -0.21
C VAL C 146 -10.17 -52.98 0.11
N ASP C 147 -11.12 -53.91 0.09
CA ASP C 147 -10.88 -55.27 0.55
C ASP C 147 -10.15 -55.23 1.90
N ASN C 148 -10.68 -54.41 2.80
CA ASN C 148 -10.22 -54.27 4.18
C ASN C 148 -8.80 -53.73 4.28
N ALA C 149 -8.25 -53.17 3.19
CA ALA C 149 -6.92 -52.56 3.20
C ALA C 149 -7.06 -51.05 3.27
N LEU C 150 -6.47 -50.45 4.30
CA LEU C 150 -6.52 -49.00 4.46
C LEU C 150 -5.83 -48.30 3.30
N GLN C 151 -6.55 -47.36 2.69
CA GLN C 151 -6.11 -46.56 1.57
C GLN C 151 -5.44 -45.27 2.04
N SER C 152 -4.49 -44.80 1.22
CA SER C 152 -3.90 -43.49 1.44
C SER C 152 -3.46 -42.92 0.09
N GLY C 153 -3.55 -41.60 -0.04
CA GLY C 153 -3.03 -40.92 -1.21
C GLY C 153 -3.94 -40.86 -2.43
N ASN C 154 -5.12 -41.50 -2.39
CA ASN C 154 -5.98 -41.58 -3.57
C ASN C 154 -7.40 -41.11 -3.30
N SER C 155 -7.57 -40.21 -2.34
CA SER C 155 -8.87 -39.60 -2.07
C SER C 155 -8.69 -38.09 -1.91
N GLN C 156 -9.79 -37.37 -2.12
CA GLN C 156 -9.86 -35.95 -1.84
C GLN C 156 -11.18 -35.69 -1.12
N GLU C 157 -11.22 -34.67 -0.25
CA GLU C 157 -12.48 -34.34 0.39
C GLU C 157 -12.67 -32.82 0.45
N SER C 158 -13.92 -32.42 0.68
CA SER C 158 -14.24 -31.02 0.99
C SER C 158 -15.40 -30.95 1.98
N VAL C 159 -15.49 -29.81 2.65
CA VAL C 159 -16.47 -29.60 3.71
C VAL C 159 -17.27 -28.32 3.47
N THR C 160 -18.58 -28.40 3.69
CA THR C 160 -19.42 -27.22 3.57
C THR C 160 -19.15 -26.25 4.71
N GLU C 161 -19.53 -24.99 4.48
CA GLU C 161 -19.64 -24.00 5.53
C GLU C 161 -20.77 -24.42 6.48
N GLN C 162 -20.70 -23.94 7.72
CA GLN C 162 -21.75 -24.28 8.68
C GLN C 162 -23.13 -23.95 8.14
N ASP C 163 -24.03 -24.91 8.32
CA ASP C 163 -25.39 -24.82 7.79
C ASP C 163 -26.14 -23.68 8.47
N SER C 164 -26.83 -22.88 7.66
CA SER C 164 -27.51 -21.69 8.16
C SER C 164 -28.73 -22.02 9.01
N LYS C 165 -29.17 -23.27 9.03
CA LYS C 165 -30.33 -23.69 9.83
C LYS C 165 -29.96 -24.52 11.04
N ASP C 166 -29.01 -25.41 10.94
CA ASP C 166 -28.65 -26.23 12.08
C ASP C 166 -27.20 -26.09 12.50
N SER C 167 -26.40 -25.24 11.85
CA SER C 167 -25.02 -25.02 12.30
C SER C 167 -24.16 -26.28 12.19
N THR C 168 -24.57 -27.26 11.38
CA THR C 168 -23.75 -28.44 11.21
C THR C 168 -22.83 -28.29 10.00
N TYR C 169 -21.92 -29.24 9.87
CA TYR C 169 -21.05 -29.35 8.71
C TYR C 169 -21.39 -30.64 7.99
N SER C 170 -21.05 -30.67 6.71
CA SER C 170 -21.15 -31.88 5.93
C SER C 170 -19.84 -32.05 5.17
N LEU C 171 -19.53 -33.31 4.82
CA LEU C 171 -18.26 -33.63 4.20
C LEU C 171 -18.45 -34.63 3.06
N SER C 172 -17.71 -34.42 1.98
CA SER C 172 -17.71 -35.33 0.84
C SER C 172 -16.29 -35.80 0.59
N SER C 173 -16.10 -37.10 0.50
CA SER C 173 -14.81 -37.70 0.17
C SER C 173 -14.98 -38.55 -1.09
N THR C 174 -14.03 -38.44 -2.01
CA THR C 174 -14.06 -39.21 -3.24
C THR C 174 -12.81 -40.06 -3.36
N LEU C 175 -12.99 -41.37 -3.48
CA LEU C 175 -11.88 -42.26 -3.77
C LEU C 175 -11.84 -42.43 -5.29
N THR C 176 -10.69 -42.14 -5.91
CA THR C 176 -10.56 -42.28 -7.35
C THR C 176 -9.64 -43.44 -7.73
N GLU C 183 -12.10 -52.84 -10.77
CA GLU C 183 -12.59 -54.19 -11.01
C GLU C 183 -11.80 -55.26 -10.29
N LYS C 184 -10.58 -54.94 -9.88
CA LYS C 184 -9.72 -55.86 -9.15
C LYS C 184 -10.24 -56.19 -7.75
N HIS C 185 -10.82 -55.20 -7.09
CA HIS C 185 -11.16 -55.31 -5.68
C HIS C 185 -12.68 -55.41 -5.49
N LYS C 186 -13.10 -56.07 -4.40
CA LYS C 186 -14.52 -56.42 -4.20
C LYS C 186 -15.27 -55.56 -3.20
N VAL C 187 -14.72 -55.34 -2.00
CA VAL C 187 -15.46 -54.66 -0.95
C VAL C 187 -14.92 -53.23 -0.82
N TYR C 188 -15.78 -52.26 -1.04
CA TYR C 188 -15.45 -50.85 -0.91
C TYR C 188 -16.20 -50.34 0.31
N ALA C 189 -15.46 -49.72 1.22
CA ALA C 189 -15.97 -49.28 2.50
C ALA C 189 -15.45 -47.91 2.84
N CYS C 190 -16.30 -47.11 3.47
CA CYS C 190 -15.85 -45.88 4.10
C CYS C 190 -16.14 -46.01 5.59
N GLU C 191 -15.10 -45.79 6.40
CA GLU C 191 -15.21 -45.91 7.85
C GLU C 191 -15.09 -44.51 8.43
N VAL C 192 -16.06 -44.10 9.23
CA VAL C 192 -16.13 -42.73 9.72
C VAL C 192 -15.97 -42.76 11.23
N THR C 193 -15.06 -41.93 11.74
CA THR C 193 -14.88 -41.74 13.17
C THR C 193 -15.28 -40.32 13.53
N HIS C 194 -16.07 -40.17 14.58
CA HIS C 194 -16.50 -38.85 15.03
C HIS C 194 -16.93 -39.01 16.47
N GLN C 195 -16.76 -37.95 17.27
CA GLN C 195 -17.10 -38.02 18.69
C GLN C 195 -18.57 -38.38 18.93
N GLY C 196 -19.45 -38.03 17.99
CA GLY C 196 -20.87 -38.29 18.18
C GLY C 196 -21.25 -39.73 17.96
N LEU C 197 -20.29 -40.53 17.51
CA LEU C 197 -20.44 -41.95 17.27
C LEU C 197 -19.71 -42.70 18.38
N SER C 198 -20.40 -43.65 19.02
CA SER C 198 -19.77 -44.38 20.09
C SER C 198 -18.69 -45.31 19.57
N SER C 199 -18.76 -45.67 18.29
CA SER C 199 -17.68 -46.37 17.61
C SER C 199 -17.78 -46.06 16.13
N PRO C 200 -16.70 -46.23 15.38
CA PRO C 200 -16.74 -45.86 13.96
C PRO C 200 -17.84 -46.58 13.21
N VAL C 201 -18.43 -45.87 12.26
CA VAL C 201 -19.46 -46.42 11.38
C VAL C 201 -18.83 -46.70 10.03
N THR C 202 -19.15 -47.84 9.45
CA THR C 202 -18.65 -48.24 8.14
C THR C 202 -19.81 -48.44 7.18
N LYS C 203 -19.80 -47.71 6.07
CA LYS C 203 -20.73 -47.93 4.98
C LYS C 203 -19.94 -48.57 3.84
N SER C 204 -20.54 -49.58 3.21
CA SER C 204 -19.80 -50.37 2.22
C SER C 204 -20.73 -50.85 1.11
N PHE C 205 -20.11 -51.33 0.04
CA PHE C 205 -20.81 -52.05 -1.02
C PHE C 205 -19.87 -53.06 -1.67
C1 NAG D . 22.24 25.97 -6.13
C2 NAG D . 21.56 26.05 -7.50
C3 NAG D . 22.57 26.40 -8.57
C4 NAG D . 23.30 27.70 -8.21
C5 NAG D . 23.89 27.60 -6.80
C6 NAG D . 24.44 28.93 -6.31
C7 NAG D . 19.65 24.76 -8.35
C8 NAG D . 19.10 23.39 -8.64
N2 NAG D . 20.89 24.80 -7.82
O3 NAG D . 21.91 26.55 -9.82
O4 NAG D . 24.36 27.94 -9.12
O5 NAG D . 22.88 27.22 -5.86
O6 NAG D . 25.01 28.81 -5.01
O7 NAG D . 19.01 25.78 -8.57
C1 NAG D . 23.96 29.02 -10.02
C2 NAG D . 25.15 29.90 -10.36
C3 NAG D . 24.70 31.03 -11.27
C4 NAG D . 24.01 30.48 -12.50
C5 NAG D . 22.91 29.46 -12.15
C6 NAG D . 22.40 28.71 -13.35
C7 NAG D . 26.84 29.82 -8.58
C8 NAG D . 27.40 30.50 -7.37
N2 NAG D . 25.79 30.41 -9.17
O3 NAG D . 25.81 31.83 -11.64
O4 NAG D . 23.40 31.55 -13.23
O5 NAG D . 23.41 28.48 -11.22
O6 NAG D . 21.61 27.58 -12.95
O7 NAG D . 27.33 28.78 -9.03
C1 BMA D . 23.87 31.55 -14.60
C2 BMA D . 22.99 32.52 -15.41
C3 BMA D . 23.54 32.65 -16.85
C4 BMA D . 25.07 32.86 -16.88
C5 BMA D . 25.78 31.83 -15.99
C6 BMA D . 27.28 32.06 -15.91
O2 BMA D . 23.00 33.81 -14.84
O3 BMA D . 22.89 33.71 -17.55
O4 BMA D . 25.54 32.74 -18.22
O5 BMA D . 25.24 31.93 -14.68
O6 BMA D . 27.51 33.08 -14.95
C1 NAG E . 28.40 12.94 9.30
C2 NAG E . 29.90 13.06 9.58
C3 NAG E . 30.56 11.70 9.50
C4 NAG E . 29.83 10.71 10.41
C5 NAG E . 28.34 10.71 10.12
C6 NAG E . 27.54 9.85 11.07
C7 NAG E . 30.87 15.24 8.97
C8 NAG E . 31.53 16.04 7.89
N2 NAG E . 30.52 13.98 8.64
O3 NAG E . 31.92 11.82 9.90
O4 NAG E . 30.36 9.40 10.22
O5 NAG E . 27.82 12.04 10.23
O6 NAG E . 26.14 10.00 10.84
O7 NAG E . 30.66 15.69 10.09
C1 NAG F . 18.02 5.03 -16.31
C2 NAG F . 16.67 4.75 -16.97
C3 NAG F . 16.43 3.24 -17.11
C4 NAG F . 17.61 2.55 -17.77
C5 NAG F . 18.89 2.89 -17.02
C6 NAG F . 20.13 2.31 -17.66
C7 NAG F . 14.96 6.48 -16.61
C8 NAG F . 13.87 6.96 -15.71
N2 NAG F . 15.59 5.36 -16.23
O3 NAG F . 15.25 3.01 -17.85
O4 NAG F . 17.42 1.14 -17.80
O5 NAG F . 19.07 4.31 -16.99
O6 NAG F . 21.15 3.29 -17.77
O7 NAG F . 15.27 7.08 -17.63
C1 NAG G . -11.67 15.30 -14.38
C2 NAG G . -12.60 14.20 -14.89
C3 NAG G . -14.00 14.35 -14.32
C4 NAG G . -13.95 14.53 -12.81
C5 NAG G . -12.95 15.61 -12.42
C6 NAG G . -12.86 15.75 -10.90
C7 NAG G . -12.53 13.13 -17.08
C8 NAG G . -13.16 11.91 -16.50
N2 NAG G . -12.65 14.24 -16.35
O3 NAG G . -14.78 13.19 -14.64
O4 NAG G . -15.26 14.90 -12.33
O5 NAG G . -11.67 15.29 -12.95
O6 NAG G . -11.59 16.33 -10.55
O7 NAG G . -11.94 13.12 -18.14
#